data_8UJF
#
_entry.id   8UJF
#
_cell.length_a   66.233
_cell.length_b   123.693
_cell.length_c   165.724
_cell.angle_alpha   90.000
_cell.angle_beta   90.000
_cell.angle_gamma   90.000
#
_symmetry.space_group_name_H-M   'P 21 21 21'
#
loop_
_entity.id
_entity.type
_entity.pdbx_description
1 polymer 'Glycosyl transferase'
2 polymer Mucin-5AC
3 non-polymer "URIDINE-5'-DIPHOSPHATE"
4 non-polymer 'MANGANESE (II) ION'
5 non-polymer 2-acetamido-2-deoxy-beta-D-glucopyranose
6 water water
#
loop_
_entity_poly.entity_id
_entity_poly.type
_entity_poly.pdbx_seq_one_letter_code
_entity_poly.pdbx_strand_id
1 'polypeptide(L)'
;GARDVQEGVSSFEESGGAQLPPRVHALEVLEGAGPGRLHGRLGIKPDGQPGYTRAPSPPTDLSMPQALARGGGFNLYLSD
HLELDRTAPDARHASCRQLHYDLSTLPKASVIIVFYNEPFSTLMRSVHSVLNGTPPQILEELILVDDGSTLPYIREDGNQ
QLVEYLKLLPAKVRLIRNEVRKGIVGARMKGIRASRAPIFAILDSHIEVSPQWLEPLLLRIKEDSRRVVMPQIDGIDAET
FKHIAGGIGCKLGFLWKLMEHSYEGHQTARLPPEERQPSPTDFQTSPAMAGGLFAANKAFFFDVGAYDEDFQFWGTENLE
LSFRLWQCGGVLECAPCSRVYHIFRKGGSGYSSPGDSITINKMRTMLWMDEYADLAWRVIGKPRVNYRPESLEKRREWRK
RKGCKSFRWFMENVFPEGDVVTLDDVPYLGPLRNDKIGMCLDNMGWASPGHAVGLEYCHGGDTQTFMFFRKVGHVMPVND
DEACLQPSGRLDWCRGTAQFWWDFTSSGQLMFRETKQCLSAFGRKLRMVECDDTDPYQIWSWTAYNPPDTFTFPSVSRSI
RSG
;
A,B
2 'polypeptide(L)' GTTPSPVPTTSTTSAP E
#
# COMPACT_ATOMS: atom_id res chain seq x y z
N GLU A 31 23.97 -18.03 39.11
CA GLU A 31 25.38 -18.04 38.70
C GLU A 31 26.14 -16.92 39.41
N GLY A 32 25.60 -16.41 40.50
CA GLY A 32 26.17 -15.27 41.18
C GLY A 32 25.37 -14.04 40.91
N ALA A 33 24.08 -14.16 40.66
CA ALA A 33 23.24 -13.10 40.16
C ALA A 33 22.95 -12.06 41.23
N GLY A 34 22.74 -10.83 40.76
CA GLY A 34 22.39 -9.71 41.61
C GLY A 34 22.30 -8.45 40.78
N PRO A 35 21.95 -7.33 41.40
CA PRO A 35 21.85 -6.07 40.64
C PRO A 35 23.19 -5.69 40.03
N GLY A 36 23.13 -5.27 38.76
CA GLY A 36 24.31 -5.00 37.97
C GLY A 36 24.76 -6.15 37.10
N ARG A 37 24.39 -7.38 37.48
CA ARG A 37 24.65 -8.59 36.71
C ARG A 37 23.40 -9.45 36.87
N LEU A 38 22.30 -9.00 36.27
CA LEU A 38 21.01 -9.66 36.47
C LEU A 38 21.03 -11.11 35.99
N HIS A 39 21.99 -11.46 35.14
CA HIS A 39 22.15 -12.84 34.68
C HIS A 39 23.33 -13.54 35.34
N GLY A 40 23.91 -12.95 36.39
CA GLY A 40 25.03 -13.55 37.06
C GLY A 40 26.37 -13.13 36.48
N ARG A 41 27.43 -13.61 37.13
CA ARG A 41 28.78 -13.33 36.65
C ARG A 41 29.00 -14.02 35.31
N LEU A 42 29.20 -13.22 34.27
CA LEU A 42 29.27 -13.71 32.90
C LEU A 42 30.73 -13.85 32.45
N GLY A 43 31.02 -14.93 31.74
CA GLY A 43 32.29 -15.06 31.06
C GLY A 43 33.43 -15.57 31.91
N ILE A 44 33.17 -16.42 32.89
CA ILE A 44 34.21 -16.95 33.78
C ILE A 44 34.38 -18.43 33.48
N LYS A 45 35.62 -18.91 33.51
CA LYS A 45 35.91 -20.29 33.21
C LYS A 45 35.77 -21.15 34.46
N PRO A 46 35.84 -22.48 34.30
CA PRO A 46 35.82 -23.35 35.50
C PRO A 46 36.91 -23.03 36.50
N ASP A 47 38.11 -22.72 36.01
CA ASP A 47 39.23 -22.44 36.92
C ASP A 47 38.92 -21.24 37.82
N GLY A 48 38.10 -20.30 37.34
CA GLY A 48 37.80 -19.09 38.07
C GLY A 48 38.37 -17.80 37.51
N GLN A 49 38.89 -17.81 36.29
CA GLN A 49 39.52 -16.70 35.60
C GLN A 49 38.72 -16.33 34.35
N PRO A 50 38.57 -15.08 34.08
CA PRO A 50 37.83 -14.60 32.91
C PRO A 50 38.38 -15.23 31.62
N GLY A 51 37.46 -15.62 30.73
CA GLY A 51 37.86 -16.22 29.47
C GLY A 51 38.13 -15.18 28.39
N TYR A 52 38.50 -13.98 28.81
CA TYR A 52 38.81 -12.90 27.88
C TYR A 52 40.03 -12.17 28.42
N THR A 53 41.15 -12.26 27.70
CA THR A 53 42.39 -11.61 28.10
C THR A 53 42.30 -10.12 27.75
N ARG A 54 42.13 -9.29 28.77
CA ARG A 54 42.07 -7.85 28.55
C ARG A 54 43.41 -7.33 28.05
N ALA A 55 43.35 -6.35 27.18
CA ALA A 55 44.58 -5.77 26.66
C ALA A 55 45.06 -4.65 27.57
N PRO A 56 46.36 -4.35 27.59
CA PRO A 56 46.85 -3.25 28.43
C PRO A 56 46.37 -1.91 27.91
N SER A 57 46.64 -0.87 28.68
CA SER A 57 46.25 0.47 28.27
C SER A 57 46.85 0.75 26.89
N PRO A 58 46.13 1.44 26.02
CA PRO A 58 46.68 1.74 24.68
C PRO A 58 48.03 2.41 24.78
N PRO A 59 48.86 2.33 23.75
CA PRO A 59 50.19 2.94 23.83
C PRO A 59 50.13 4.44 23.95
N THR A 60 51.16 5.01 24.57
CA THR A 60 51.28 6.46 24.65
C THR A 60 51.60 7.06 23.29
N ASP A 61 52.45 6.38 22.51
CA ASP A 61 52.78 6.83 21.16
C ASP A 61 51.75 6.30 20.16
N LEU A 62 50.49 6.63 20.43
CA LEU A 62 49.36 6.19 19.62
C LEU A 62 48.86 7.36 18.78
N SER A 63 48.79 7.15 17.47
CA SER A 63 48.18 8.11 16.55
C SER A 63 46.71 7.76 16.40
N MET A 64 45.83 8.71 16.71
CA MET A 64 44.41 8.45 16.74
C MET A 64 43.86 8.21 15.33
N PRO A 65 44.26 8.98 14.33
CA PRO A 65 43.70 8.76 12.98
C PRO A 65 44.05 7.40 12.41
N GLN A 66 45.23 6.88 12.73
CA GLN A 66 45.62 5.55 12.24
C GLN A 66 44.99 4.45 13.07
N ALA A 67 44.78 4.68 14.37
CA ALA A 67 44.11 3.68 15.20
C ALA A 67 42.62 3.63 14.90
N LEU A 68 42.01 4.78 14.63
CA LEU A 68 40.61 4.83 14.24
C LEU A 68 40.37 4.27 12.85
N ALA A 69 41.44 3.91 12.13
CA ALA A 69 41.34 3.22 10.85
C ALA A 69 41.44 1.70 11.01
N ARG A 70 42.41 1.24 11.80
CA ARG A 70 42.54 -0.19 12.04
C ARG A 70 41.34 -0.75 12.79
N GLY A 71 40.75 0.05 13.69
CA GLY A 71 39.59 -0.41 14.44
C GLY A 71 38.28 -0.34 13.71
N GLY A 72 38.24 0.29 12.55
CA GLY A 72 37.02 0.33 11.77
C GLY A 72 35.97 1.29 12.27
N GLY A 73 36.36 2.50 12.65
CA GLY A 73 35.40 3.50 13.06
C GLY A 73 35.59 3.99 14.49
N PHE A 74 35.96 3.09 15.39
CA PHE A 74 36.15 3.43 16.80
C PHE A 74 37.49 2.90 17.29
N ASN A 75 38.06 3.59 18.27
CA ASN A 75 39.33 3.23 18.85
C ASN A 75 39.24 1.84 19.46
N LEU A 76 39.88 0.87 18.81
CA LEU A 76 39.79 -0.51 19.27
C LEU A 76 40.88 -0.86 20.29
N TYR A 77 42.02 -0.16 20.25
CA TYR A 77 43.01 -0.30 21.30
C TYR A 77 42.40 -0.04 22.67
N LEU A 78 41.50 0.94 22.75
CA LEU A 78 40.86 1.26 24.02
C LEU A 78 39.78 0.25 24.37
N SER A 79 38.89 -0.05 23.43
CA SER A 79 37.84 -1.03 23.67
C SER A 79 38.42 -2.35 24.15
N ASP A 80 39.55 -2.77 23.58
CA ASP A 80 40.17 -4.03 23.99
C ASP A 80 40.67 -3.94 25.43
N HIS A 81 41.08 -2.76 25.87
CA HIS A 81 41.50 -2.54 27.25
C HIS A 81 40.34 -2.26 28.19
N LEU A 82 39.16 -1.94 27.65
CA LEU A 82 38.00 -1.70 28.49
C LEU A 82 37.31 -3.01 28.85
N GLU A 83 36.71 -3.03 30.04
CA GLU A 83 36.11 -4.25 30.55
C GLU A 83 34.80 -4.55 29.83
N LEU A 84 34.53 -5.84 29.63
CA LEU A 84 33.26 -6.23 29.04
C LEU A 84 32.10 -5.99 30.00
N ASP A 85 32.36 -6.05 31.30
CA ASP A 85 31.35 -5.75 32.31
C ASP A 85 31.47 -4.29 32.77
N ARG A 86 31.52 -3.38 31.81
CA ARG A 86 31.71 -1.96 32.09
C ARG A 86 30.42 -1.30 32.54
N THR A 87 30.43 -0.78 33.76
CA THR A 87 29.30 0.01 34.25
C THR A 87 29.16 1.26 33.40
N ALA A 88 27.93 1.72 33.24
CA ALA A 88 27.64 2.89 32.44
C ALA A 88 26.65 3.79 33.17
N PRO A 89 26.78 5.11 33.02
CA PRO A 89 25.85 6.01 33.70
C PRO A 89 24.43 5.84 33.20
N ASP A 90 23.49 6.06 34.10
CA ASP A 90 22.06 5.99 33.77
C ASP A 90 21.65 7.32 33.13
N ALA A 91 21.27 7.26 31.86
CA ALA A 91 20.90 8.45 31.10
C ALA A 91 19.41 8.73 31.15
N ARG A 92 18.63 7.88 31.80
CA ARG A 92 17.19 8.10 31.88
C ARG A 92 16.89 9.29 32.77
N HIS A 93 15.79 9.97 32.47
CA HIS A 93 15.36 11.08 33.30
C HIS A 93 15.01 10.57 34.69
N ALA A 94 15.25 11.43 35.69
CA ALA A 94 14.99 11.03 37.07
C ALA A 94 13.55 10.55 37.26
N SER A 95 12.62 11.07 36.45
CA SER A 95 11.23 10.66 36.56
C SER A 95 10.99 9.26 36.00
N CYS A 96 11.84 8.81 35.07
CA CYS A 96 11.69 7.47 34.53
C CYS A 96 11.97 6.41 35.59
N ARG A 97 12.81 6.73 36.57
CA ARG A 97 13.18 5.77 37.60
C ARG A 97 12.06 5.52 38.59
N GLN A 98 11.09 6.43 38.70
CA GLN A 98 9.96 6.29 39.62
C GLN A 98 8.82 5.47 39.03
N LEU A 99 9.14 4.42 38.27
CA LEU A 99 8.13 3.58 37.65
C LEU A 99 8.26 2.16 38.23
N HIS A 100 7.18 1.39 38.10
CA HIS A 100 7.13 0.04 38.65
C HIS A 100 6.59 -0.91 37.59
N TYR A 101 7.25 -2.05 37.43
CA TYR A 101 6.83 -3.09 36.51
C TYR A 101 6.73 -4.42 37.24
N ASP A 102 5.68 -5.18 36.93
CA ASP A 102 5.47 -6.52 37.48
C ASP A 102 6.02 -7.51 36.47
N LEU A 103 7.21 -8.05 36.73
CA LEU A 103 7.89 -8.86 35.74
C LEU A 103 7.10 -10.13 35.41
N SER A 104 6.44 -10.72 36.39
CA SER A 104 5.72 -11.97 36.17
C SER A 104 4.54 -11.81 35.22
N THR A 105 4.11 -10.58 34.94
CA THR A 105 2.96 -10.33 34.08
C THR A 105 3.36 -9.72 32.74
N LEU A 106 4.64 -9.80 32.36
CA LEU A 106 5.10 -9.19 31.13
C LEU A 106 5.52 -10.27 30.13
N PRO A 107 5.37 -10.02 28.82
CA PRO A 107 5.75 -11.03 27.84
C PRO A 107 7.25 -11.11 27.62
N LYS A 108 7.74 -12.33 27.42
CA LYS A 108 9.14 -12.51 27.10
C LYS A 108 9.45 -11.90 25.73
N ALA A 109 10.73 -11.58 25.54
CA ALA A 109 11.18 -10.95 24.31
C ALA A 109 12.54 -11.51 23.91
N SER A 110 12.76 -11.60 22.60
CA SER A 110 14.00 -12.11 22.04
C SER A 110 14.80 -10.93 21.51
N VAL A 111 15.93 -10.65 22.15
CA VAL A 111 16.83 -9.61 21.65
C VAL A 111 17.64 -10.18 20.50
N ILE A 112 17.66 -9.45 19.39
CA ILE A 112 18.35 -9.87 18.18
C ILE A 112 19.48 -8.88 17.91
N ILE A 113 20.72 -9.36 17.87
CA ILE A 113 21.88 -8.55 17.55
C ILE A 113 22.50 -9.14 16.28
N VAL A 114 22.43 -8.38 15.19
CA VAL A 114 23.05 -8.74 13.92
C VAL A 114 24.41 -8.07 13.85
N PHE A 115 25.38 -8.73 13.21
CA PHE A 115 26.73 -8.21 13.16
C PHE A 115 27.48 -8.79 11.97
N TYR A 116 28.39 -7.98 11.41
CA TYR A 116 29.30 -8.42 10.37
C TYR A 116 30.67 -7.82 10.64
N ASN A 117 31.66 -8.68 10.86
CA ASN A 117 33.04 -8.24 11.15
C ASN A 117 33.07 -7.26 12.32
N GLU A 118 32.20 -7.48 13.29
CA GLU A 118 32.25 -6.67 14.50
C GLU A 118 33.39 -7.14 15.39
N PRO A 119 34.16 -6.23 15.98
CA PRO A 119 35.23 -6.64 16.89
C PRO A 119 34.69 -7.40 18.10
N PHE A 120 35.57 -8.22 18.68
CA PHE A 120 35.17 -9.06 19.81
C PHE A 120 34.77 -8.20 21.01
N SER A 121 35.59 -7.23 21.37
CA SER A 121 35.33 -6.44 22.58
C SER A 121 33.99 -5.73 22.50
N THR A 122 33.73 -5.02 21.40
CA THR A 122 32.48 -4.28 21.27
C THR A 122 31.29 -5.23 21.22
N LEU A 123 31.40 -6.32 20.44
CA LEU A 123 30.27 -7.23 20.32
C LEU A 123 29.95 -7.87 21.66
N MET A 124 30.99 -8.24 22.42
CA MET A 124 30.78 -8.91 23.70
C MET A 124 30.38 -7.94 24.80
N ARG A 125 30.96 -6.74 24.82
CA ARG A 125 30.51 -5.74 25.78
C ARG A 125 29.03 -5.43 25.61
N SER A 126 28.53 -5.50 24.37
CA SER A 126 27.10 -5.37 24.13
C SER A 126 26.34 -6.53 24.74
N VAL A 127 26.72 -7.77 24.38
CA VAL A 127 26.05 -8.94 24.93
C VAL A 127 26.10 -8.92 26.44
N HIS A 128 27.25 -8.58 27.02
CA HIS A 128 27.35 -8.45 28.47
C HIS A 128 26.37 -7.41 28.99
N SER A 129 26.33 -6.23 28.34
CA SER A 129 25.45 -5.16 28.81
C SER A 129 23.99 -5.59 28.78
N VAL A 130 23.59 -6.32 27.73
CA VAL A 130 22.22 -6.79 27.63
C VAL A 130 21.90 -7.75 28.77
N LEU A 131 22.72 -8.80 28.91
CA LEU A 131 22.51 -9.77 29.97
C LEU A 131 22.62 -9.12 31.35
N ASN A 132 23.49 -8.12 31.49
CA ASN A 132 23.69 -7.49 32.78
C ASN A 132 22.55 -6.56 33.16
N GLY A 133 21.83 -6.02 32.18
CA GLY A 133 20.82 -5.02 32.44
C GLY A 133 19.42 -5.43 32.04
N THR A 134 19.20 -6.73 31.86
CA THR A 134 17.90 -7.25 31.46
C THR A 134 17.50 -8.37 32.41
N PRO A 135 16.35 -8.27 33.09
CA PRO A 135 15.92 -9.37 33.96
C PRO A 135 15.76 -10.66 33.17
N PRO A 136 16.11 -11.80 33.76
CA PRO A 136 15.98 -13.06 33.01
C PRO A 136 14.54 -13.47 32.74
N GLN A 137 13.58 -12.97 33.54
CA GLN A 137 12.19 -13.41 33.34
C GLN A 137 11.63 -12.93 32.01
N ILE A 138 12.09 -11.77 31.51
CA ILE A 138 11.53 -11.18 30.31
C ILE A 138 12.41 -11.38 29.09
N LEU A 139 13.56 -12.01 29.24
CA LEU A 139 14.47 -12.25 28.11
C LEU A 139 14.39 -13.74 27.80
N GLU A 140 13.61 -14.10 26.78
CA GLU A 140 13.54 -15.50 26.37
C GLU A 140 14.90 -15.97 25.86
N GLU A 141 15.54 -15.17 25.00
CA GLU A 141 16.77 -15.56 24.34
C GLU A 141 17.44 -14.32 23.80
N LEU A 142 18.72 -14.46 23.44
CA LEU A 142 19.48 -13.40 22.78
C LEU A 142 20.13 -14.02 21.57
N ILE A 143 19.61 -13.68 20.38
CA ILE A 143 20.03 -14.30 19.13
C ILE A 143 21.15 -13.46 18.53
N LEU A 144 22.29 -14.10 18.29
CA LEU A 144 23.43 -13.46 17.64
C LEU A 144 23.49 -13.93 16.20
N VAL A 145 23.49 -12.99 15.26
CA VAL A 145 23.40 -13.30 13.84
C VAL A 145 24.70 -12.89 13.18
N ASP A 146 25.48 -13.87 12.73
CA ASP A 146 26.69 -13.63 11.96
C ASP A 146 26.29 -13.50 10.49
N ASP A 147 26.35 -12.28 9.95
CA ASP A 147 25.99 -12.03 8.56
C ASP A 147 27.17 -12.28 7.62
N GLY A 148 27.76 -13.47 7.72
CA GLY A 148 28.88 -13.80 6.86
C GLY A 148 30.19 -13.15 7.23
N SER A 149 30.46 -13.01 8.53
CA SER A 149 31.72 -12.40 8.97
C SER A 149 32.89 -13.19 8.39
N THR A 150 33.97 -12.46 8.11
CA THR A 150 35.20 -13.07 7.59
C THR A 150 36.35 -12.97 8.58
N LEU A 151 36.10 -12.46 9.78
CA LEU A 151 37.14 -12.33 10.78
C LEU A 151 37.48 -13.71 11.35
N PRO A 152 38.74 -13.93 11.76
CA PRO A 152 39.09 -15.27 12.25
C PRO A 152 38.38 -15.66 13.53
N TYR A 153 38.08 -14.69 14.41
CA TYR A 153 37.45 -15.03 15.67
C TYR A 153 35.99 -15.42 15.46
N ILE A 154 35.37 -14.92 14.39
CA ILE A 154 34.01 -15.30 14.00
C ILE A 154 34.11 -16.18 12.78
N ARG A 155 34.33 -17.48 12.96
CA ARG A 155 34.43 -18.38 11.81
C ARG A 155 34.31 -19.81 12.26
N GLU A 156 33.66 -20.63 11.43
CA GLU A 156 33.62 -22.07 11.64
C GLU A 156 34.91 -22.74 11.20
N ASP A 157 35.78 -22.02 10.48
CA ASP A 157 37.10 -22.48 10.08
C ASP A 157 38.21 -21.60 10.63
N GLY A 158 38.02 -21.05 11.83
CA GLY A 158 38.99 -20.10 12.35
C GLY A 158 39.51 -20.43 13.74
N ASN A 159 40.00 -19.41 14.45
CA ASN A 159 40.54 -19.66 15.78
C ASN A 159 39.44 -20.05 16.77
N GLN A 160 38.18 -19.74 16.45
CA GLN A 160 37.03 -20.17 17.26
C GLN A 160 36.96 -19.42 18.59
N GLN A 161 37.47 -18.19 18.64
CA GLN A 161 37.41 -17.42 19.87
C GLN A 161 35.97 -17.14 20.28
N LEU A 162 35.14 -16.74 19.33
CA LEU A 162 33.75 -16.41 19.65
C LEU A 162 32.98 -17.65 20.08
N VAL A 163 33.08 -18.73 19.29
CA VAL A 163 32.28 -19.91 19.56
C VAL A 163 32.62 -20.47 20.94
N GLU A 164 33.92 -20.59 21.25
CA GLU A 164 34.31 -21.06 22.57
C GLU A 164 33.81 -20.13 23.68
N TYR A 165 34.05 -18.83 23.54
CA TYR A 165 33.65 -17.91 24.59
C TYR A 165 32.15 -17.95 24.83
N LEU A 166 31.36 -18.23 23.80
CA LEU A 166 29.92 -18.26 23.98
C LEU A 166 29.50 -19.41 24.86
N LYS A 167 30.24 -20.53 24.83
CA LYS A 167 29.97 -21.63 25.73
C LYS A 167 30.04 -21.21 27.20
N LEU A 168 30.77 -20.14 27.49
CA LEU A 168 30.88 -19.61 28.84
C LEU A 168 29.83 -18.56 29.15
N LEU A 169 28.80 -18.46 28.31
CA LEU A 169 27.66 -17.57 28.51
C LEU A 169 26.38 -18.38 28.62
N PRO A 170 25.35 -17.83 29.26
CA PRO A 170 24.12 -18.60 29.46
C PRO A 170 23.55 -19.20 28.17
N ALA A 171 22.65 -20.18 28.34
CA ALA A 171 22.06 -20.83 27.17
C ALA A 171 21.20 -19.87 26.36
N LYS A 172 20.64 -18.84 27.01
CA LYS A 172 19.87 -17.84 26.28
C LYS A 172 20.60 -17.37 25.02
N VAL A 173 21.92 -17.18 25.13
CA VAL A 173 22.70 -16.68 24.01
C VAL A 173 22.84 -17.78 22.97
N ARG A 174 22.37 -17.51 21.75
CA ARG A 174 22.45 -18.47 20.66
C ARG A 174 23.07 -17.79 19.44
N LEU A 175 24.11 -18.42 18.89
CA LEU A 175 24.73 -17.94 17.67
C LEU A 175 24.15 -18.67 16.47
N ILE A 176 23.84 -17.90 15.42
CA ILE A 176 23.46 -18.45 14.13
C ILE A 176 24.10 -17.57 13.06
N ARG A 177 24.33 -18.14 11.88
CA ARG A 177 25.09 -17.45 10.85
C ARG A 177 24.40 -17.54 9.50
N ASN A 178 24.81 -16.63 8.62
CA ASN A 178 24.44 -16.64 7.21
C ASN A 178 25.66 -17.04 6.40
N GLU A 179 25.45 -17.94 5.44
CA GLU A 179 26.56 -18.42 4.62
C GLU A 179 27.23 -17.29 3.84
N VAL A 180 26.52 -16.20 3.59
CA VAL A 180 27.08 -15.06 2.88
C VAL A 180 26.41 -13.80 3.40
N ARG A 181 27.12 -12.68 3.33
CA ARG A 181 26.58 -11.41 3.80
C ARG A 181 25.31 -11.11 3.02
N LYS A 182 24.17 -11.02 3.72
CA LYS A 182 22.90 -10.75 3.09
C LYS A 182 22.46 -9.30 3.27
N GLY A 183 22.98 -8.59 4.25
CA GLY A 183 22.60 -7.22 4.54
C GLY A 183 21.78 -7.13 5.81
N ILE A 184 21.43 -5.89 6.15
CA ILE A 184 20.61 -5.66 7.34
C ILE A 184 19.28 -6.39 7.21
N VAL A 185 18.55 -6.14 6.12
CA VAL A 185 17.26 -6.79 5.93
C VAL A 185 17.42 -8.31 6.01
N GLY A 186 18.35 -8.86 5.22
CA GLY A 186 18.57 -10.29 5.26
C GLY A 186 18.95 -10.80 6.64
N ALA A 187 19.87 -10.10 7.30
CA ALA A 187 20.38 -10.58 8.58
C ALA A 187 19.34 -10.45 9.68
N ARG A 188 18.55 -9.36 9.67
CA ARG A 188 17.59 -9.15 10.74
C ARG A 188 16.43 -10.14 10.64
N MET A 189 15.95 -10.40 9.41
CA MET A 189 14.88 -11.38 9.23
C MET A 189 15.30 -12.75 9.75
N LYS A 190 16.51 -13.18 9.40
CA LYS A 190 17.03 -14.45 9.90
C LYS A 190 16.86 -14.53 11.41
N GLY A 191 17.16 -13.45 12.11
CA GLY A 191 17.00 -13.44 13.55
C GLY A 191 15.55 -13.45 13.98
N ILE A 192 14.71 -12.62 13.34
CA ILE A 192 13.30 -12.55 13.74
C ILE A 192 12.61 -13.88 13.47
N ARG A 193 12.82 -14.45 12.29
N ARG A 193 12.83 -14.46 12.29
CA ARG A 193 12.25 -15.76 11.99
CA ARG A 193 12.23 -15.76 12.01
C ARG A 193 12.70 -16.80 13.02
C ARG A 193 12.69 -16.81 13.01
N ALA A 194 13.97 -16.76 13.41
CA ALA A 194 14.48 -17.71 14.38
C ALA A 194 14.01 -17.40 15.80
N SER A 195 13.48 -16.20 16.03
CA SER A 195 13.00 -15.86 17.37
C SER A 195 11.82 -16.76 17.73
N ARG A 196 11.72 -17.06 19.03
CA ARG A 196 10.68 -17.96 19.54
C ARG A 196 9.76 -17.26 20.53
N ALA A 197 9.88 -15.95 20.68
CA ALA A 197 9.18 -15.17 21.68
C ALA A 197 8.07 -14.35 21.03
N PRO A 198 7.04 -13.97 21.79
CA PRO A 198 6.00 -13.10 21.22
C PRO A 198 6.53 -11.76 20.73
N ILE A 199 7.66 -11.29 21.24
CA ILE A 199 8.21 -9.98 20.90
C ILE A 199 9.69 -10.12 20.60
N PHE A 200 10.18 -9.28 19.69
CA PHE A 200 11.60 -9.18 19.39
C PHE A 200 12.07 -7.75 19.59
N ALA A 201 13.35 -7.61 19.96
CA ALA A 201 14.00 -6.31 20.11
C ALA A 201 15.28 -6.35 19.29
N ILE A 202 15.36 -5.45 18.30
CA ILE A 202 16.53 -5.37 17.42
C ILE A 202 17.53 -4.41 18.03
N LEU A 203 18.81 -4.80 18.04
CA LEU A 203 19.86 -3.99 18.64
C LEU A 203 21.10 -4.04 17.76
N ASP A 204 21.96 -3.05 17.94
CA ASP A 204 23.23 -2.98 17.23
C ASP A 204 24.27 -3.85 17.94
N SER A 205 25.39 -4.07 17.24
CA SER A 205 26.48 -4.89 17.77
C SER A 205 27.54 -4.06 18.49
N HIS A 206 27.28 -2.77 18.72
CA HIS A 206 28.22 -1.87 19.37
C HIS A 206 27.39 -0.90 20.21
N ILE A 207 26.82 -1.41 21.32
CA ILE A 207 25.87 -0.66 22.12
C ILE A 207 26.05 -0.98 23.59
N GLU A 208 25.49 -0.10 24.42
CA GLU A 208 25.41 -0.31 25.86
C GLU A 208 24.09 0.28 26.33
N VAL A 209 23.41 -0.44 27.22
CA VAL A 209 22.07 -0.09 27.62
C VAL A 209 22.10 0.61 28.97
N SER A 210 21.01 1.28 29.29
CA SER A 210 20.75 1.89 30.58
C SER A 210 19.83 1.01 31.39
N PRO A 211 19.67 1.28 32.68
CA PRO A 211 18.77 0.44 33.49
C PRO A 211 17.36 0.47 32.93
N GLN A 212 16.64 -0.64 33.15
CA GLN A 212 15.25 -0.79 32.73
C GLN A 212 15.05 -0.30 31.29
N TRP A 213 15.87 -0.82 30.39
CA TRP A 213 15.76 -0.43 28.99
C TRP A 213 14.64 -1.18 28.29
N LEU A 214 14.45 -2.46 28.64
CA LEU A 214 13.45 -3.29 27.98
C LEU A 214 12.10 -3.25 28.68
N GLU A 215 12.06 -2.94 29.97
CA GLU A 215 10.79 -2.93 30.68
C GLU A 215 9.79 -1.96 30.07
N PRO A 216 10.14 -0.72 29.74
CA PRO A 216 9.14 0.18 29.15
C PRO A 216 8.64 -0.28 27.80
N LEU A 217 9.52 -0.82 26.95
CA LEU A 217 9.08 -1.28 25.63
C LEU A 217 8.06 -2.39 25.72
N LEU A 218 8.33 -3.41 26.56
CA LEU A 218 7.42 -4.54 26.65
C LEU A 218 6.03 -4.10 27.09
N LEU A 219 5.95 -3.29 28.16
CA LEU A 219 4.65 -2.83 28.64
C LEU A 219 3.86 -2.15 27.52
N ARG A 220 4.53 -1.32 26.72
CA ARG A 220 3.82 -0.57 25.69
C ARG A 220 3.27 -1.48 24.60
N ILE A 221 4.05 -2.48 24.18
CA ILE A 221 3.59 -3.39 23.15
C ILE A 221 2.55 -4.36 23.71
N LYS A 222 2.60 -4.64 25.00
CA LYS A 222 1.59 -5.52 25.60
C LYS A 222 0.21 -4.88 25.54
N GLU A 223 0.14 -3.57 25.77
CA GLU A 223 -1.15 -2.89 25.81
C GLU A 223 -1.75 -2.66 24.42
N ASP A 224 -0.93 -2.77 23.37
CA ASP A 224 -1.43 -2.61 22.00
C ASP A 224 -0.35 -3.17 21.06
N SER A 225 -0.59 -4.38 20.55
CA SER A 225 0.40 -5.05 19.71
C SER A 225 0.75 -4.27 18.45
N ARG A 226 -0.06 -3.27 18.08
CA ARG A 226 0.18 -2.48 16.87
C ARG A 226 1.23 -1.40 17.04
N ARG A 227 1.83 -1.28 18.23
CA ARG A 227 2.81 -0.23 18.48
C ARG A 227 4.22 -0.77 18.24
N VAL A 228 5.00 -0.05 17.45
CA VAL A 228 6.42 -0.29 17.29
C VAL A 228 7.15 0.79 18.08
N VAL A 229 7.85 0.39 19.12
CA VAL A 229 8.44 1.32 20.09
C VAL A 229 9.96 1.30 19.90
N MET A 230 10.55 2.49 19.99
CA MET A 230 11.97 2.70 19.78
C MET A 230 12.59 3.32 21.02
N PRO A 231 13.73 2.83 21.48
CA PRO A 231 14.43 3.52 22.57
C PRO A 231 15.19 4.73 22.04
N GLN A 232 15.29 5.74 22.88
CA GLN A 232 16.12 6.90 22.57
C GLN A 232 17.59 6.55 22.66
N ILE A 233 18.36 7.03 21.70
CA ILE A 233 19.75 6.61 21.49
C ILE A 233 20.68 7.68 22.04
N ASP A 234 21.43 7.33 23.08
CA ASP A 234 22.57 8.11 23.53
C ASP A 234 23.80 7.66 22.73
N GLY A 235 24.97 8.19 23.05
CA GLY A 235 26.16 7.96 22.25
C GLY A 235 27.37 7.60 23.09
N ILE A 236 28.22 6.75 22.51
CA ILE A 236 29.54 6.44 23.05
C ILE A 236 30.58 6.98 22.08
N ASP A 237 31.39 7.92 22.55
CA ASP A 237 32.38 8.53 21.67
C ASP A 237 33.29 7.45 21.08
N ALA A 238 33.63 7.63 19.81
CA ALA A 238 34.48 6.65 19.14
C ALA A 238 35.93 6.75 19.60
N GLU A 239 36.44 7.97 19.80
CA GLU A 239 37.86 8.11 20.16
C GLU A 239 38.08 7.85 21.65
N THR A 240 37.30 8.50 22.52
CA THR A 240 37.53 8.44 23.95
C THR A 240 36.65 7.42 24.66
N PHE A 241 35.57 6.97 24.01
CA PHE A 241 34.60 6.05 24.60
C PHE A 241 33.81 6.67 25.74
N LYS A 242 33.82 8.00 25.82
CA LYS A 242 32.97 8.70 26.76
C LYS A 242 31.50 8.41 26.50
N HIS A 243 30.72 8.38 27.58
CA HIS A 243 29.26 8.27 27.49
C HIS A 243 28.68 9.66 27.30
N ILE A 244 27.87 9.82 26.27
CA ILE A 244 27.32 11.11 25.86
C ILE A 244 25.80 11.06 25.88
N ALA A 245 25.18 12.09 26.44
CA ALA A 245 23.73 12.18 26.51
C ALA A 245 23.17 12.67 25.18
N GLY A 246 22.01 12.15 24.81
CA GLY A 246 21.37 12.50 23.57
C GLY A 246 20.17 13.42 23.75
N GLY A 249 15.15 14.86 20.99
CA GLY A 249 14.97 14.59 19.56
C GLY A 249 14.30 13.27 19.29
N CYS A 250 13.05 13.13 19.74
CA CYS A 250 12.28 11.91 19.55
C CYS A 250 11.43 11.93 18.28
N LYS A 251 11.08 13.12 17.79
CA LYS A 251 10.32 13.27 16.55
C LYS A 251 11.26 13.29 15.36
N LEU A 252 10.96 12.49 14.34
CA LEU A 252 11.84 12.31 13.21
C LEU A 252 11.04 12.37 11.92
N GLY A 253 11.42 13.28 11.04
CA GLY A 253 10.80 13.38 9.75
C GLY A 253 11.67 12.76 8.68
N PHE A 254 11.63 13.32 7.48
CA PHE A 254 12.41 12.79 6.38
C PHE A 254 12.71 13.90 5.39
N LEU A 255 13.75 13.68 4.59
CA LEU A 255 14.12 14.57 3.51
C LEU A 255 13.79 13.91 2.18
N TRP A 256 13.66 14.73 1.14
CA TRP A 256 13.33 14.20 -0.17
C TRP A 256 14.49 13.46 -0.81
N LYS A 257 15.68 13.50 -0.21
CA LYS A 257 16.75 12.57 -0.52
C LYS A 257 16.51 11.19 0.11
N LEU A 258 15.35 11.00 0.73
CA LEU A 258 14.98 9.73 1.36
C LEU A 258 15.93 9.38 2.51
N MET A 259 16.02 10.31 3.46
CA MET A 259 16.83 10.14 4.65
C MET A 259 16.03 10.64 5.85
N GLU A 260 16.14 9.93 6.97
CA GLU A 260 15.49 10.40 8.19
C GLU A 260 16.14 11.70 8.64
N HIS A 261 15.32 12.62 9.16
CA HIS A 261 15.78 13.91 9.62
C HIS A 261 14.99 14.25 10.87
N SER A 262 15.68 14.71 11.91
CA SER A 262 15.00 15.06 13.14
C SER A 262 14.29 16.39 12.97
N TYR A 263 13.09 16.49 13.55
CA TYR A 263 12.30 17.71 13.47
C TYR A 263 13.16 18.93 13.75
N GLU A 264 13.14 19.88 12.83
CA GLU A 264 13.89 21.12 13.03
C GLU A 264 13.07 22.05 13.91
N GLY A 265 13.61 23.24 14.15
CA GLY A 265 12.93 24.17 15.04
C GLY A 265 11.57 24.58 14.52
N HIS A 266 11.52 25.08 13.29
CA HIS A 266 10.27 25.53 12.70
C HIS A 266 9.26 24.40 12.52
N GLN A 267 9.73 23.15 12.46
CA GLN A 267 8.81 22.03 12.30
C GLN A 267 8.12 21.67 13.61
N THR A 268 8.86 21.60 14.71
N THR A 268 8.86 21.60 14.71
CA THR A 268 8.24 21.34 16.01
CA THR A 268 8.25 21.33 16.00
C THR A 268 7.23 22.42 16.37
C THR A 268 7.28 22.43 16.42
N ALA A 269 7.34 23.60 15.78
CA ALA A 269 6.40 24.67 16.09
C ALA A 269 5.04 24.42 15.47
N ARG A 270 4.97 23.70 14.36
CA ARG A 270 3.70 23.36 13.75
C ARG A 270 2.96 22.26 14.49
N LEU A 271 3.57 21.67 15.51
CA LEU A 271 2.91 20.65 16.28
C LEU A 271 1.79 21.26 17.14
N PRO A 272 0.80 20.47 17.51
CA PRO A 272 -0.23 20.97 18.42
C PRO A 272 0.39 21.43 19.73
N PRO A 273 -0.18 22.45 20.37
CA PRO A 273 0.46 23.00 21.57
C PRO A 273 0.73 21.95 22.63
N GLU A 274 -0.13 20.94 22.74
CA GLU A 274 0.01 19.94 23.80
C GLU A 274 1.08 18.91 23.50
N GLU A 275 1.75 19.02 22.35
CA GLU A 275 2.83 18.11 21.97
C GLU A 275 4.11 18.84 21.61
N ARG A 276 4.19 20.15 21.83
CA ARG A 276 5.40 20.89 21.47
C ARG A 276 6.50 20.70 22.50
N GLN A 277 6.16 20.40 23.75
CA GLN A 277 7.13 20.11 24.80
C GLN A 277 6.65 18.88 25.55
N PRO A 278 6.74 17.71 24.93
CA PRO A 278 6.21 16.51 25.58
C PRO A 278 7.00 16.19 26.84
N SER A 279 6.36 15.48 27.74
CA SER A 279 6.96 15.17 29.03
C SER A 279 8.03 14.09 28.88
N PRO A 280 8.93 13.97 29.85
CA PRO A 280 10.00 12.97 29.73
C PRO A 280 9.50 11.54 29.84
N THR A 281 8.29 11.32 30.34
CA THR A 281 7.77 9.97 30.55
C THR A 281 6.66 9.58 29.57
N ASP A 282 6.26 10.49 28.69
CA ASP A 282 5.18 10.20 27.75
C ASP A 282 5.75 9.57 26.48
N PHE A 283 4.97 8.69 25.88
CA PHE A 283 5.33 8.07 24.62
C PHE A 283 4.98 9.01 23.49
N GLN A 284 5.97 9.33 22.64
CA GLN A 284 5.82 10.31 21.58
C GLN A 284 5.89 9.64 20.21
N THR A 285 4.97 10.00 19.33
CA THR A 285 4.92 9.46 17.99
C THR A 285 6.00 10.06 17.11
N SER A 286 6.54 9.23 16.20
CA SER A 286 7.55 9.66 15.24
C SER A 286 7.12 9.21 13.85
N PRO A 287 7.03 10.11 12.88
CA PRO A 287 6.70 9.65 11.51
C PRO A 287 7.67 8.61 10.98
N ALA A 288 8.95 8.71 11.30
CA ALA A 288 9.97 7.85 10.72
C ALA A 288 10.90 7.34 11.81
N MET A 289 11.72 6.37 11.43
CA MET A 289 12.67 5.73 12.33
C MET A 289 14.10 6.08 11.96
N ALA A 290 14.94 6.22 12.97
CA ALA A 290 16.35 6.58 12.83
C ALA A 290 17.21 5.35 13.13
N GLY A 291 17.32 4.47 12.15
CA GLY A 291 18.08 3.26 12.36
C GLY A 291 17.22 2.17 13.00
N GLY A 292 17.66 0.93 12.85
CA GLY A 292 16.86 -0.19 13.28
C GLY A 292 17.04 -0.69 14.70
N LEU A 293 16.67 0.12 15.69
CA LEU A 293 16.67 -0.22 17.11
C LEU A 293 15.23 -0.06 17.59
N PHE A 294 14.46 -1.15 17.56
CA PHE A 294 13.05 -1.08 17.91
C PHE A 294 12.56 -2.45 18.39
N ALA A 295 11.41 -2.42 19.04
CA ALA A 295 10.72 -3.61 19.51
C ALA A 295 9.34 -3.68 18.86
N ALA A 296 8.84 -4.90 18.67
CA ALA A 296 7.58 -5.10 17.98
C ALA A 296 7.07 -6.51 18.23
N ASN A 297 5.74 -6.63 18.30
CA ASN A 297 5.11 -7.95 18.35
C ASN A 297 5.40 -8.73 17.08
N LYS A 298 5.94 -9.94 17.24
CA LYS A 298 6.37 -10.72 16.08
C LYS A 298 5.22 -10.91 15.09
N ALA A 299 4.07 -11.37 15.59
CA ALA A 299 2.92 -11.60 14.71
C ALA A 299 2.57 -10.32 13.96
N PHE A 300 2.37 -9.22 14.68
CA PHE A 300 2.03 -7.96 14.05
C PHE A 300 3.07 -7.57 13.01
N PHE A 301 4.35 -7.62 13.38
CA PHE A 301 5.42 -7.25 12.46
C PHE A 301 5.31 -7.99 11.14
N PHE A 302 4.97 -9.29 11.19
CA PHE A 302 4.87 -10.07 9.95
C PHE A 302 3.60 -9.77 9.17
N ASP A 303 2.58 -9.23 9.83
CA ASP A 303 1.34 -8.88 9.14
C ASP A 303 1.38 -7.48 8.55
N VAL A 304 2.32 -6.64 9.00
CA VAL A 304 2.45 -5.28 8.51
C VAL A 304 3.45 -5.23 7.36
N GLY A 305 3.80 -6.41 6.82
CA GLY A 305 4.76 -6.53 5.74
C GLY A 305 6.17 -6.92 6.16
N ALA A 306 6.56 -6.64 7.39
CA ALA A 306 7.88 -7.05 7.84
C ALA A 306 8.98 -6.17 7.28
N TYR A 307 9.71 -6.68 6.29
CA TYR A 307 10.77 -5.94 5.61
C TYR A 307 10.79 -6.41 4.16
N ASP A 308 10.81 -5.46 3.23
CA ASP A 308 11.01 -5.82 1.82
C ASP A 308 12.32 -6.57 1.67
N GLU A 309 12.24 -7.88 1.48
CA GLU A 309 13.44 -8.71 1.45
C GLU A 309 14.16 -8.60 0.12
N ASP A 310 13.69 -7.72 -0.76
CA ASP A 310 14.40 -7.40 -1.99
C ASP A 310 15.29 -6.19 -1.84
N PHE A 311 15.17 -5.47 -0.72
CA PHE A 311 16.18 -4.50 -0.33
C PHE A 311 17.52 -5.20 -0.17
N GLN A 312 18.57 -4.58 -0.70
CA GLN A 312 19.89 -5.19 -0.74
C GLN A 312 20.84 -4.49 0.22
N PHE A 313 21.59 -5.30 0.97
CA PHE A 313 22.64 -4.82 1.87
C PHE A 313 22.16 -3.62 2.67
N TRP A 314 22.99 -2.60 2.81
CA TRP A 314 22.62 -1.41 3.56
C TRP A 314 21.83 -0.46 2.68
N GLY A 315 20.89 0.24 3.31
CA GLY A 315 20.11 1.22 2.56
C GLY A 315 18.99 1.78 3.42
N THR A 316 17.99 2.35 2.74
CA THR A 316 16.90 3.08 3.37
C THR A 316 15.76 2.19 3.81
N GLU A 317 16.04 1.01 4.36
CA GLU A 317 14.98 0.14 4.83
C GLU A 317 14.21 0.74 6.01
N ASN A 318 14.79 1.72 6.70
CA ASN A 318 14.12 2.29 7.87
C ASN A 318 12.94 3.17 7.47
N LEU A 319 12.99 3.80 6.29
CA LEU A 319 11.89 4.66 5.86
C LEU A 319 10.79 3.85 5.20
N GLU A 320 11.16 2.92 4.31
CA GLU A 320 10.15 2.07 3.68
C GLU A 320 9.28 1.38 4.72
N LEU A 321 9.89 0.91 5.81
CA LEU A 321 9.10 0.33 6.88
C LEU A 321 8.24 1.39 7.55
N SER A 322 8.80 2.57 7.80
CA SER A 322 8.05 3.61 8.51
C SER A 322 6.81 4.02 7.74
N PHE A 323 6.96 4.35 6.45
CA PHE A 323 5.81 4.71 5.64
C PHE A 323 4.81 3.55 5.60
N ARG A 324 5.29 2.33 5.37
CA ARG A 324 4.39 1.18 5.32
C ARG A 324 3.72 0.95 6.67
N LEU A 325 4.47 1.07 7.76
CA LEU A 325 3.90 0.83 9.08
C LEU A 325 2.70 1.73 9.34
N TRP A 326 2.87 3.03 9.15
CA TRP A 326 1.80 3.98 9.44
C TRP A 326 0.60 3.74 8.52
N GLN A 327 0.86 3.56 7.23
CA GLN A 327 -0.23 3.45 6.27
C GLN A 327 -1.00 2.15 6.39
N CYS A 328 -0.42 1.12 7.01
CA CYS A 328 -1.07 -0.18 7.11
C CYS A 328 -1.56 -0.49 8.53
N GLY A 329 -1.85 0.55 9.29
CA GLY A 329 -2.53 0.38 10.57
C GLY A 329 -1.64 0.23 11.77
N GLY A 330 -0.39 0.69 11.70
CA GLY A 330 0.54 0.59 12.79
C GLY A 330 0.90 1.96 13.34
N VAL A 331 1.64 1.94 14.45
CA VAL A 331 2.11 3.15 15.12
C VAL A 331 3.60 3.01 15.37
N LEU A 332 4.31 4.13 15.24
CA LEU A 332 5.74 4.21 15.51
C LEU A 332 5.93 5.21 16.65
N GLU A 333 6.29 4.70 17.83
CA GLU A 333 6.47 5.50 19.03
C GLU A 333 7.92 5.40 19.50
N CYS A 334 8.33 6.35 20.33
CA CYS A 334 9.63 6.33 20.97
C CYS A 334 9.44 6.38 22.48
N ALA A 335 10.24 5.57 23.20
CA ALA A 335 10.15 5.49 24.65
C ALA A 335 11.32 6.24 25.27
N PRO A 336 11.11 7.44 25.83
CA PRO A 336 12.23 8.17 26.44
C PRO A 336 12.80 7.49 27.67
N CYS A 337 12.09 6.54 28.27
CA CYS A 337 12.61 5.83 29.43
C CYS A 337 13.45 4.62 29.06
N SER A 338 13.38 4.16 27.82
CA SER A 338 14.24 3.10 27.31
C SER A 338 15.38 3.76 26.54
N ARG A 339 16.58 3.75 27.12
CA ARG A 339 17.74 4.41 26.54
C ARG A 339 18.81 3.37 26.21
N VAL A 340 19.55 3.61 25.14
CA VAL A 340 20.64 2.74 24.71
C VAL A 340 21.75 3.61 24.15
N TYR A 341 22.98 3.37 24.61
CA TYR A 341 24.16 4.01 24.06
C TYR A 341 24.60 3.29 22.78
N HIS A 342 25.14 4.06 21.83
CA HIS A 342 25.55 3.54 20.54
C HIS A 342 26.86 4.20 20.14
N ILE A 343 27.81 3.40 19.68
CA ILE A 343 29.13 3.89 19.26
C ILE A 343 29.00 4.38 17.83
N PHE A 344 28.84 5.69 17.65
CA PHE A 344 28.87 6.27 16.32
C PHE A 344 30.29 6.30 15.78
N ARG A 345 30.46 5.83 14.56
CA ARG A 345 31.75 5.61 13.93
C ARG A 345 32.32 6.89 13.30
N LYS A 346 33.59 6.80 12.92
CA LYS A 346 34.34 7.91 12.32
C LYS A 346 35.11 7.42 11.09
N PRO A 354 27.35 -2.89 -1.36
CA PRO A 354 27.91 -2.13 -2.48
C PRO A 354 27.15 -0.85 -2.73
N GLY A 355 27.69 0.01 -3.60
CA GLY A 355 27.10 1.32 -3.83
C GLY A 355 25.81 1.29 -4.62
N ASP A 356 25.55 0.21 -5.37
CA ASP A 356 24.34 0.15 -6.18
C ASP A 356 23.10 -0.13 -5.35
N SER A 357 23.25 -0.83 -4.22
CA SER A 357 22.09 -1.20 -3.42
C SER A 357 21.29 0.01 -2.97
N ILE A 358 21.96 1.13 -2.70
CA ILE A 358 21.29 2.27 -2.07
C ILE A 358 20.31 2.93 -3.02
N THR A 359 20.66 3.07 -4.29
CA THR A 359 19.73 3.70 -5.23
C THR A 359 18.48 2.85 -5.41
N ILE A 360 18.65 1.53 -5.49
CA ILE A 360 17.51 0.63 -5.60
C ILE A 360 16.57 0.80 -4.42
N ASN A 361 17.09 0.65 -3.20
CA ASN A 361 16.25 0.73 -2.01
C ASN A 361 15.40 1.99 -2.02
N LYS A 362 15.95 3.11 -2.49
CA LYS A 362 15.16 4.34 -2.56
C LYS A 362 14.03 4.21 -3.58
N MET A 363 14.31 3.60 -4.73
CA MET A 363 13.26 3.40 -5.73
C MET A 363 12.11 2.59 -5.14
N ARG A 364 12.43 1.49 -4.44
CA ARG A 364 11.39 0.67 -3.85
C ARG A 364 10.62 1.43 -2.78
N THR A 365 11.32 2.26 -1.99
CA THR A 365 10.62 3.06 -0.99
C THR A 365 9.62 4.00 -1.64
N MET A 366 9.91 4.49 -2.86
CA MET A 366 9.02 5.43 -3.52
C MET A 366 7.67 4.81 -3.87
N LEU A 367 7.56 3.48 -3.83
CA LEU A 367 6.26 2.84 -4.03
C LEU A 367 5.24 3.33 -3.01
N TRP A 368 5.70 3.59 -1.78
CA TRP A 368 4.82 3.98 -0.69
C TRP A 368 4.59 5.48 -0.63
N MET A 369 5.14 6.24 -1.58
CA MET A 369 4.97 7.68 -1.60
C MET A 369 3.95 8.15 -2.63
N ASP A 370 3.41 7.24 -3.45
CA ASP A 370 2.33 7.53 -4.40
C ASP A 370 2.80 8.65 -5.32
N GLU A 371 2.09 9.77 -5.41
CA GLU A 371 2.46 10.82 -6.36
C GLU A 371 3.74 11.54 -5.93
N TYR A 372 4.01 11.56 -4.64
CA TYR A 372 5.19 12.27 -4.14
C TYR A 372 6.49 11.64 -4.63
N ALA A 373 6.45 10.43 -5.18
CA ALA A 373 7.65 9.82 -5.74
C ALA A 373 8.23 10.67 -6.87
N ASP A 374 7.38 11.39 -7.60
CA ASP A 374 7.88 12.27 -8.65
C ASP A 374 8.89 13.26 -8.10
N LEU A 375 8.59 13.86 -6.94
CA LEU A 375 9.51 14.82 -6.34
C LEU A 375 10.74 14.12 -5.80
N ALA A 376 10.56 13.03 -5.05
CA ALA A 376 11.69 12.26 -4.55
C ALA A 376 12.56 11.75 -5.69
N TRP A 377 11.95 11.40 -6.83
CA TRP A 377 12.72 10.85 -7.94
C TRP A 377 13.66 11.89 -8.54
N ARG A 378 13.21 13.14 -8.66
CA ARG A 378 14.05 14.18 -9.23
C ARG A 378 15.13 14.64 -8.26
N VAL A 379 14.88 14.53 -6.95
CA VAL A 379 15.86 14.99 -5.97
C VAL A 379 17.06 14.04 -5.93
N ILE A 380 16.82 12.73 -6.02
CA ILE A 380 17.94 11.78 -6.02
C ILE A 380 18.56 11.61 -7.39
N GLY A 381 18.13 12.38 -8.39
CA GLY A 381 18.84 12.47 -9.65
C GLY A 381 18.23 11.72 -10.81
N LYS A 382 16.91 11.55 -10.80
CA LYS A 382 16.20 10.80 -11.83
C LYS A 382 16.89 9.47 -12.14
N PRO A 383 17.23 8.69 -11.13
CA PRO A 383 18.03 7.49 -11.39
C PRO A 383 17.24 6.44 -12.15
N ARG A 384 17.95 5.63 -12.91
CA ARG A 384 17.38 4.55 -13.72
C ARG A 384 18.23 3.31 -13.49
N VAL A 385 17.69 2.36 -12.73
CA VAL A 385 18.43 1.17 -12.31
C VAL A 385 17.50 -0.04 -12.38
N ASN A 386 18.05 -1.21 -12.04
CA ASN A 386 17.27 -2.44 -11.93
C ASN A 386 16.78 -2.56 -10.49
N TYR A 387 15.60 -2.00 -10.23
CA TYR A 387 15.00 -2.06 -8.91
C TYR A 387 14.16 -3.31 -8.71
N ARG A 388 14.47 -4.39 -9.41
CA ARG A 388 13.67 -5.61 -9.38
C ARG A 388 12.21 -5.25 -9.60
N PRO A 389 11.85 -4.73 -10.78
CA PRO A 389 10.47 -4.27 -11.00
C PRO A 389 9.42 -5.36 -10.83
N GLU A 390 9.83 -6.63 -10.89
CA GLU A 390 8.86 -7.72 -10.73
C GLU A 390 8.38 -7.80 -9.28
N SER A 391 9.29 -8.11 -8.36
CA SER A 391 8.92 -8.27 -6.95
C SER A 391 8.32 -7.00 -6.37
N LEU A 392 8.64 -5.84 -6.95
CA LEU A 392 8.05 -4.59 -6.46
C LEU A 392 6.55 -4.57 -6.71
N GLU A 393 6.10 -5.19 -7.80
CA GLU A 393 4.66 -5.23 -8.08
C GLU A 393 3.93 -6.08 -7.06
N LYS A 394 4.56 -7.14 -6.55
CA LYS A 394 3.94 -7.96 -5.52
C LYS A 394 3.70 -7.16 -4.25
N ARG A 395 4.51 -6.13 -4.02
CA ARG A 395 4.24 -5.18 -2.94
C ARG A 395 3.10 -4.25 -3.32
N ARG A 396 3.02 -3.83 -4.58
CA ARG A 396 1.93 -2.98 -5.03
C ARG A 396 0.59 -3.70 -4.87
N GLU A 397 0.54 -5.00 -5.20
CA GLU A 397 -0.64 -5.80 -4.89
C GLU A 397 -0.79 -6.03 -3.38
N TRP A 398 0.29 -6.40 -2.71
CA TRP A 398 0.21 -6.59 -1.27
C TRP A 398 -0.33 -5.34 -0.58
N ARG A 399 0.14 -4.17 -1.02
CA ARG A 399 -0.31 -2.93 -0.40
C ARG A 399 -1.80 -2.73 -0.61
N LYS A 400 -2.31 -3.11 -1.79
CA LYS A 400 -3.71 -2.87 -2.11
C LYS A 400 -4.59 -3.94 -1.48
N ARG A 401 -4.09 -5.17 -1.35
CA ARG A 401 -4.82 -6.22 -0.66
C ARG A 401 -4.93 -5.95 0.84
N LYS A 402 -4.03 -5.15 1.40
CA LYS A 402 -4.08 -4.78 2.81
C LYS A 402 -4.89 -3.52 3.07
N GLY A 403 -5.21 -2.75 2.03
CA GLY A 403 -5.93 -1.52 2.23
C GLY A 403 -5.12 -0.45 2.91
N CYS A 404 -3.80 -0.46 2.73
CA CYS A 404 -2.95 0.56 3.33
C CYS A 404 -3.35 1.93 2.79
N LYS A 405 -3.22 2.94 3.64
CA LYS A 405 -3.66 4.28 3.31
C LYS A 405 -2.65 4.95 2.37
N SER A 406 -2.99 6.16 1.92
CA SER A 406 -2.17 6.87 0.95
C SER A 406 -1.09 7.68 1.64
N PHE A 407 -0.09 8.08 0.84
CA PHE A 407 0.97 8.92 1.37
C PHE A 407 0.43 10.31 1.69
N ARG A 408 -0.56 10.80 0.93
CA ARG A 408 -1.23 12.03 1.28
C ARG A 408 -1.79 11.95 2.70
N TRP A 409 -2.45 10.84 3.01
CA TRP A 409 -2.92 10.64 4.38
C TRP A 409 -1.76 10.70 5.36
N PHE A 410 -0.68 9.96 5.08
CA PHE A 410 0.49 9.99 5.94
C PHE A 410 0.97 11.42 6.17
N MET A 411 1.11 12.19 5.09
CA MET A 411 1.65 13.54 5.21
C MET A 411 0.68 14.46 5.95
N GLU A 412 -0.62 14.20 5.87
CA GLU A 412 -1.59 15.08 6.51
C GLU A 412 -1.92 14.67 7.94
N ASN A 413 -1.60 13.44 8.33
CA ASN A 413 -1.93 12.95 9.66
C ASN A 413 -0.70 12.59 10.48
N VAL A 414 0.29 11.95 9.88
CA VAL A 414 1.47 11.54 10.63
C VAL A 414 2.56 12.61 10.58
N PHE A 415 2.80 13.19 9.40
CA PHE A 415 3.83 14.23 9.26
C PHE A 415 3.23 15.52 8.72
N PRO A 416 2.12 16.01 9.30
CA PRO A 416 1.55 17.27 8.81
C PRO A 416 2.43 18.49 9.07
N GLU A 417 3.48 18.33 9.88
CA GLU A 417 4.37 19.43 10.22
C GLU A 417 5.50 19.60 9.21
N GLY A 418 5.46 18.85 8.10
CA GLY A 418 6.49 18.97 7.10
C GLY A 418 6.34 20.21 6.24
N ASP A 419 7.47 20.60 5.63
CA ASP A 419 7.47 21.77 4.75
C ASP A 419 6.75 21.49 3.44
N VAL A 420 6.57 20.23 3.07
CA VAL A 420 5.90 19.85 1.83
C VAL A 420 4.83 18.81 2.20
N VAL A 421 3.61 19.29 2.45
CA VAL A 421 2.49 18.39 2.74
C VAL A 421 1.76 17.97 1.47
N THR A 422 1.71 18.85 0.47
CA THR A 422 1.16 18.54 -0.84
C THR A 422 2.11 19.08 -1.91
N LEU A 423 2.01 18.49 -3.11
CA LEU A 423 2.84 18.95 -4.21
C LEU A 423 2.50 20.38 -4.65
N ASP A 424 1.44 20.97 -4.09
CA ASP A 424 1.22 22.40 -4.27
C ASP A 424 2.15 23.24 -3.41
N ASP A 425 2.78 22.65 -2.40
CA ASP A 425 3.80 23.33 -1.62
C ASP A 425 5.14 23.41 -2.34
N VAL A 426 5.25 22.81 -3.52
CA VAL A 426 6.42 22.93 -4.38
C VAL A 426 5.96 23.52 -5.70
N PRO A 427 5.66 24.82 -5.77
CA PRO A 427 5.05 25.38 -6.99
C PRO A 427 6.00 25.45 -8.17
N TYR A 428 7.30 25.63 -7.93
CA TYR A 428 8.26 25.82 -8.99
C TYR A 428 9.35 24.76 -8.92
N LEU A 429 9.68 24.18 -10.06
CA LEU A 429 10.80 23.24 -10.16
C LEU A 429 11.38 23.40 -11.56
N GLY A 430 12.60 23.94 -11.64
CA GLY A 430 13.24 24.14 -12.91
C GLY A 430 14.34 25.17 -12.85
N PRO A 431 14.87 25.55 -14.02
CA PRO A 431 15.94 26.55 -14.06
C PRO A 431 15.44 27.95 -13.75
N LEU A 432 16.21 28.68 -12.95
CA LEU A 432 15.95 30.10 -12.68
C LEU A 432 16.75 30.88 -13.71
N ARG A 433 16.08 31.35 -14.75
CA ARG A 433 16.74 31.91 -15.92
C ARG A 433 16.49 33.42 -15.98
N ASN A 434 17.53 34.15 -16.34
CA ASN A 434 17.44 35.59 -16.58
C ASN A 434 17.57 35.80 -18.08
N ASP A 435 16.47 36.21 -18.72
CA ASP A 435 16.46 36.31 -20.18
C ASP A 435 17.36 37.42 -20.69
N LYS A 436 17.57 38.48 -19.89
CA LYS A 436 18.38 39.60 -20.34
C LYS A 436 19.77 39.12 -20.75
N ILE A 437 20.49 38.47 -19.83
CA ILE A 437 21.80 37.94 -20.14
C ILE A 437 21.75 36.52 -20.70
N GLY A 438 20.57 35.91 -20.74
CA GLY A 438 20.45 34.57 -21.28
C GLY A 438 21.24 33.53 -20.52
N MET A 439 21.02 33.45 -19.20
CA MET A 439 21.73 32.51 -18.36
C MET A 439 20.79 31.92 -17.31
N CYS A 440 21.18 30.76 -16.80
CA CYS A 440 20.50 30.07 -15.71
C CYS A 440 21.40 30.05 -14.48
N LEU A 441 20.78 29.90 -13.31
CA LEU A 441 21.55 29.67 -12.11
C LEU A 441 22.18 28.29 -12.15
N ASP A 442 23.25 28.13 -11.36
CA ASP A 442 24.07 26.93 -11.40
C ASP A 442 24.69 26.71 -10.03
N ASN A 443 24.53 25.50 -9.48
CA ASN A 443 25.21 25.18 -8.24
C ASN A 443 26.72 25.02 -8.43
N MET A 444 27.18 24.99 -9.69
CA MET A 444 28.60 24.87 -10.04
C MET A 444 29.17 23.50 -9.71
N GLY A 445 28.34 22.46 -9.71
CA GLY A 445 28.85 21.12 -9.59
C GLY A 445 28.93 20.56 -8.19
N TRP A 446 28.64 21.35 -7.15
CA TRP A 446 28.77 20.89 -5.79
C TRP A 446 27.42 20.60 -5.15
N ALA A 447 26.55 21.61 -5.08
CA ALA A 447 25.21 21.47 -4.51
C ALA A 447 25.26 21.34 -2.99
N SER A 448 26.42 21.01 -2.44
CA SER A 448 26.50 20.94 -0.98
C SER A 448 26.48 22.34 -0.37
N PRO A 449 25.86 22.53 0.80
CA PRO A 449 25.91 23.86 1.43
C PRO A 449 27.33 24.32 1.67
N GLY A 450 27.55 25.64 1.52
CA GLY A 450 28.82 26.26 1.80
C GLY A 450 29.44 26.93 0.59
N HIS A 451 29.13 26.47 -0.61
CA HIS A 451 29.75 26.96 -1.83
C HIS A 451 28.89 28.03 -2.47
N ALA A 452 29.51 28.80 -3.35
CA ALA A 452 28.85 29.95 -3.94
C ALA A 452 28.14 29.57 -5.24
N VAL A 453 27.06 30.27 -5.52
CA VAL A 453 26.31 30.09 -6.75
C VAL A 453 26.87 31.05 -7.80
N GLY A 454 27.08 30.54 -9.01
CA GLY A 454 27.54 31.35 -10.11
C GLY A 454 26.53 31.30 -11.24
N LEU A 455 26.69 32.22 -12.19
CA LEU A 455 25.79 32.31 -13.32
C LEU A 455 26.44 31.66 -14.53
N GLU A 456 25.71 30.74 -15.15
CA GLU A 456 26.22 29.95 -16.24
C GLU A 456 25.14 29.84 -17.31
N TYR A 457 25.54 29.34 -18.46
CA TYR A 457 24.68 29.26 -19.63
C TYR A 457 23.82 27.99 -19.58
N CYS A 458 22.54 28.15 -19.87
CA CYS A 458 21.60 27.07 -19.64
C CYS A 458 21.89 25.86 -20.52
N HIS A 459 22.01 24.70 -19.88
CA HIS A 459 22.16 23.43 -20.58
C HIS A 459 21.10 22.41 -20.20
N GLY A 460 20.11 22.79 -19.40
CA GLY A 460 19.04 21.89 -19.03
C GLY A 460 19.46 20.70 -18.21
N GLY A 461 20.45 20.87 -17.33
CA GLY A 461 20.93 19.82 -16.46
C GLY A 461 20.46 20.02 -15.03
N ASP A 462 20.67 18.97 -14.22
CA ASP A 462 20.24 19.02 -12.83
C ASP A 462 20.97 20.10 -12.03
N THR A 463 22.21 20.41 -12.40
CA THR A 463 22.96 21.46 -11.71
C THR A 463 22.35 22.84 -11.91
N GLN A 464 21.43 23.00 -12.86
CA GLN A 464 20.77 24.27 -13.13
C GLN A 464 19.28 24.21 -12.79
N THR A 465 18.88 23.29 -11.93
CA THR A 465 17.49 23.11 -11.55
C THR A 465 17.30 23.54 -10.10
N PHE A 466 16.22 24.26 -9.84
CA PHE A 466 15.94 24.79 -8.51
C PHE A 466 14.45 24.65 -8.22
N MET A 467 14.13 24.30 -6.98
CA MET A 467 12.75 24.14 -6.55
C MET A 467 12.47 25.13 -5.43
N PHE A 468 11.18 25.38 -5.19
CA PHE A 468 10.73 26.36 -4.22
C PHE A 468 9.79 25.70 -3.23
N PHE A 469 10.08 25.85 -1.94
CA PHE A 469 9.20 25.39 -0.87
C PHE A 469 8.49 26.60 -0.29
N ARG A 470 7.18 26.73 -0.57
CA ARG A 470 6.48 27.96 -0.22
C ARG A 470 6.22 28.09 1.28
N LYS A 471 6.22 26.99 2.04
CA LYS A 471 5.97 27.13 3.47
C LYS A 471 7.12 27.84 4.19
N VAL A 472 8.29 27.91 3.59
CA VAL A 472 9.45 28.48 4.26
C VAL A 472 10.27 29.34 3.30
N GLY A 473 9.74 29.55 2.10
CA GLY A 473 10.40 30.41 1.13
C GLY A 473 11.83 30.01 0.85
N HIS A 474 12.07 28.73 0.62
CA HIS A 474 13.40 28.20 0.37
C HIS A 474 13.61 28.03 -1.13
N VAL A 475 14.69 28.63 -1.63
CA VAL A 475 15.17 28.39 -2.99
C VAL A 475 16.31 27.39 -2.87
N MET A 476 16.13 26.21 -3.44
CA MET A 476 17.02 25.09 -3.19
C MET A 476 17.39 24.40 -4.49
N PRO A 477 18.59 23.83 -4.57
CA PRO A 477 18.91 22.95 -5.71
C PRO A 477 18.14 21.64 -5.61
N VAL A 478 17.69 21.16 -6.76
CA VAL A 478 16.83 19.97 -6.77
C VAL A 478 17.55 18.79 -6.14
N ASN A 479 18.85 18.65 -6.37
CA ASN A 479 19.60 17.50 -5.87
C ASN A 479 20.02 17.63 -4.41
N ASP A 480 19.49 18.59 -3.68
CA ASP A 480 19.81 18.71 -2.27
C ASP A 480 18.85 19.67 -1.58
N ASP A 481 17.84 19.13 -0.92
CA ASP A 481 16.87 19.93 -0.18
C ASP A 481 17.39 20.36 1.19
N GLU A 482 18.70 20.30 1.41
CA GLU A 482 19.33 20.88 2.59
C GLU A 482 20.07 22.17 2.30
N ALA A 483 20.23 22.53 1.02
CA ALA A 483 20.93 23.75 0.62
C ALA A 483 19.92 24.82 0.22
N CYS A 484 20.13 26.03 0.72
CA CYS A 484 19.22 27.15 0.51
C CYS A 484 19.96 28.37 -0.02
N LEU A 485 19.38 29.04 -1.02
CA LEU A 485 19.96 30.24 -1.56
C LEU A 485 19.91 31.37 -0.53
N GLN A 486 20.96 32.16 -0.49
CA GLN A 486 21.08 33.29 0.41
C GLN A 486 21.38 34.55 -0.38
N PRO A 487 21.08 35.72 0.18
CA PRO A 487 21.38 36.96 -0.55
C PRO A 487 22.84 37.13 -0.90
N SER A 488 23.74 36.51 -0.13
CA SER A 488 25.17 36.61 -0.40
C SER A 488 25.57 35.99 -1.74
N GLY A 489 24.65 35.32 -2.43
CA GLY A 489 24.97 34.62 -3.65
C GLY A 489 25.49 33.21 -3.44
N ARG A 490 25.32 32.66 -2.25
CA ARG A 490 25.86 31.36 -1.88
C ARG A 490 24.75 30.50 -1.30
N LEU A 491 24.98 29.21 -1.25
CA LEU A 491 24.05 28.29 -0.61
C LEU A 491 24.53 28.00 0.81
N ASP A 492 23.59 27.63 1.66
CA ASP A 492 23.88 27.33 3.05
C ASP A 492 22.83 26.38 3.58
N TRP A 493 23.11 25.83 4.76
CA TRP A 493 22.18 24.87 5.35
C TRP A 493 20.82 25.50 5.57
N CYS A 494 19.78 24.84 5.04
CA CYS A 494 18.44 25.36 5.16
C CYS A 494 18.02 25.38 6.63
N ARG A 495 17.78 26.57 7.16
CA ARG A 495 17.18 26.77 8.47
C ARG A 495 15.87 27.52 8.25
N GLY A 496 14.83 27.08 8.95
CA GLY A 496 13.52 27.66 8.79
C GLY A 496 13.37 29.00 9.50
N THR A 497 14.12 29.99 9.01
CA THR A 497 14.15 31.31 9.63
C THR A 497 13.88 32.35 8.56
N ALA A 498 13.69 33.59 9.01
CA ALA A 498 13.55 34.70 8.09
C ALA A 498 14.84 34.96 7.32
N GLN A 499 15.94 34.32 7.69
CA GLN A 499 17.22 34.47 7.01
C GLN A 499 17.29 33.66 5.71
N PHE A 500 16.28 32.86 5.41
CA PHE A 500 16.28 32.05 4.19
C PHE A 500 14.96 32.14 3.42
N TRP A 501 14.02 32.96 3.85
CA TRP A 501 12.72 33.05 3.20
C TRP A 501 12.82 33.97 1.98
N TRP A 502 12.59 33.41 0.81
CA TRP A 502 12.52 34.17 -0.43
C TRP A 502 11.08 34.26 -0.90
N ASP A 503 10.80 35.27 -1.72
CA ASP A 503 9.49 35.48 -2.32
C ASP A 503 9.68 35.60 -3.84
N PHE A 504 8.90 34.82 -4.59
CA PHE A 504 8.92 34.89 -6.04
C PHE A 504 7.69 35.68 -6.50
N THR A 505 7.92 36.91 -6.96
CA THR A 505 6.83 37.82 -7.27
C THR A 505 6.12 37.38 -8.56
N SER A 506 4.97 38.01 -8.81
CA SER A 506 4.27 37.77 -10.07
C SER A 506 5.05 38.34 -11.25
N SER A 507 5.80 39.41 -11.02
CA SER A 507 6.63 39.98 -12.09
C SER A 507 7.78 39.06 -12.47
N GLY A 508 8.18 38.15 -11.60
CA GLY A 508 9.29 37.27 -11.84
C GLY A 508 10.54 37.55 -11.03
N GLN A 509 10.43 38.35 -9.97
CA GLN A 509 11.58 38.74 -9.16
C GLN A 509 11.75 37.80 -7.98
N LEU A 510 12.98 37.68 -7.51
CA LEU A 510 13.31 36.97 -6.26
C LEU A 510 13.53 38.02 -5.18
N MET A 511 12.48 38.26 -4.39
CA MET A 511 12.53 39.23 -3.30
C MET A 511 12.88 38.50 -2.02
N PHE A 512 13.80 39.08 -1.24
CA PHE A 512 14.16 38.56 0.06
C PHE A 512 13.39 39.35 1.13
N ARG A 513 12.59 38.64 1.92
CA ARG A 513 11.64 39.31 2.80
C ARG A 513 12.35 40.23 3.79
N GLU A 514 13.45 39.75 4.38
CA GLU A 514 14.09 40.49 5.46
C GLU A 514 14.48 41.90 5.02
N THR A 515 15.25 42.01 3.93
CA THR A 515 15.73 43.29 3.44
C THR A 515 14.80 43.96 2.44
N LYS A 516 13.83 43.23 1.89
CA LYS A 516 12.95 43.76 0.85
C LYS A 516 13.74 44.13 -0.40
N GLN A 517 14.81 43.41 -0.67
CA GLN A 517 15.65 43.60 -1.84
C GLN A 517 15.48 42.43 -2.81
N CYS A 518 15.71 42.69 -4.08
CA CYS A 518 15.56 41.69 -5.13
C CYS A 518 16.92 41.27 -5.67
N LEU A 519 16.95 40.06 -6.22
CA LEU A 519 18.16 39.48 -6.78
C LEU A 519 18.31 39.89 -8.23
N SER A 520 19.51 40.33 -8.61
CA SER A 520 19.80 40.77 -9.97
C SER A 520 21.03 40.05 -10.50
N ALA A 521 21.01 39.73 -11.79
CA ALA A 521 22.10 39.05 -12.48
C ALA A 521 22.89 40.03 -13.34
N PHE A 522 23.22 41.19 -12.77
CA PHE A 522 23.88 42.25 -13.54
C PHE A 522 25.36 41.92 -13.68
N GLY A 523 25.81 41.68 -14.90
CA GLY A 523 27.22 41.43 -15.14
C GLY A 523 27.70 40.03 -14.81
N ARG A 524 26.84 39.02 -14.94
CA ARG A 524 27.15 37.66 -14.52
C ARG A 524 27.49 37.59 -13.04
N LYS A 525 27.14 38.63 -12.29
CA LYS A 525 27.35 38.70 -10.85
C LYS A 525 26.00 38.71 -10.15
N LEU A 526 25.91 38.08 -8.98
CA LEU A 526 24.69 38.09 -8.18
C LEU A 526 24.80 39.18 -7.10
N ARG A 527 23.88 40.13 -7.13
CA ARG A 527 23.87 41.20 -6.13
C ARG A 527 22.43 41.58 -5.84
N MET A 528 22.23 42.24 -4.71
CA MET A 528 20.92 42.71 -4.28
C MET A 528 20.72 44.18 -4.64
N VAL A 529 19.56 44.49 -5.22
CA VAL A 529 19.24 45.83 -5.65
C VAL A 529 17.80 46.13 -5.23
N GLU A 530 17.51 47.43 -5.09
CA GLU A 530 16.15 47.87 -4.89
C GLU A 530 15.25 47.28 -5.97
N CYS A 531 14.12 46.72 -5.55
CA CYS A 531 13.23 46.05 -6.49
C CYS A 531 12.60 47.04 -7.46
N ASP A 532 12.44 46.60 -8.71
CA ASP A 532 11.88 47.40 -9.78
C ASP A 532 11.62 46.50 -10.99
N ASP A 533 10.34 46.27 -11.29
CA ASP A 533 9.97 45.32 -12.33
C ASP A 533 10.39 45.79 -13.72
N THR A 534 10.83 47.03 -13.88
CA THR A 534 11.29 47.51 -15.19
C THR A 534 12.73 47.13 -15.47
N ASP A 535 13.46 46.64 -14.47
CA ASP A 535 14.85 46.24 -14.62
C ASP A 535 14.90 44.80 -15.12
N PRO A 536 15.27 44.55 -16.38
CA PRO A 536 15.25 43.17 -16.89
C PRO A 536 16.29 42.27 -16.25
N TYR A 537 17.29 42.82 -15.57
CA TYR A 537 18.32 41.99 -14.95
C TYR A 537 17.84 41.31 -13.69
N GLN A 538 16.72 41.77 -13.10
CA GLN A 538 16.17 41.17 -11.90
C GLN A 538 14.85 40.45 -12.15
N ILE A 539 14.55 40.14 -13.41
CA ILE A 539 13.37 39.37 -13.78
C ILE A 539 13.81 37.95 -14.10
N TRP A 540 13.24 36.98 -13.40
CA TRP A 540 13.61 35.58 -13.55
C TRP A 540 12.41 34.79 -14.06
N SER A 541 12.70 33.70 -14.76
CA SER A 541 11.69 32.77 -15.25
C SER A 541 11.93 31.43 -14.59
N TRP A 542 10.95 30.97 -13.80
CA TRP A 542 11.06 29.73 -13.04
C TRP A 542 9.94 28.79 -13.45
N THR A 543 10.31 27.61 -13.95
CA THR A 543 9.33 26.65 -14.43
C THR A 543 8.37 26.24 -13.32
N ALA A 544 7.09 26.12 -13.66
CA ALA A 544 6.09 25.67 -12.72
C ALA A 544 6.15 24.16 -12.58
N TYR A 545 5.85 23.69 -11.36
CA TYR A 545 5.89 22.27 -11.03
C TYR A 545 4.45 21.76 -10.93
N ASN A 546 3.98 21.15 -12.01
CA ASN A 546 2.64 20.55 -12.09
C ASN A 546 2.79 19.07 -12.46
N PRO A 547 3.27 18.25 -11.53
CA PRO A 547 3.57 16.85 -11.85
C PRO A 547 2.30 16.04 -12.12
N PRO A 548 2.43 14.77 -12.50
CA PRO A 548 1.25 13.94 -12.74
C PRO A 548 0.46 13.70 -11.46
N ASP A 549 -0.69 13.03 -11.59
CA ASP A 549 -1.49 12.67 -10.42
C ASP A 549 -1.04 11.36 -9.79
N THR A 550 -0.28 10.55 -10.52
CA THR A 550 0.31 9.31 -10.01
C THR A 550 1.69 9.16 -10.63
N PHE A 551 2.65 8.70 -9.82
CA PHE A 551 4.01 8.53 -10.30
C PHE A 551 4.12 7.21 -11.06
N THR A 552 4.57 7.28 -12.30
CA THR A 552 4.83 6.11 -13.12
C THR A 552 6.32 5.79 -13.04
N PHE A 553 6.64 4.64 -12.47
CA PHE A 553 8.04 4.27 -12.30
C PHE A 553 8.74 4.22 -13.66
N PRO A 554 10.06 4.45 -13.69
CA PRO A 554 10.80 4.31 -14.96
C PRO A 554 10.88 2.87 -15.40
N SER A 555 11.64 2.60 -16.45
CA SER A 555 11.81 1.26 -16.96
C SER A 555 13.17 0.71 -16.56
N VAL A 556 13.55 -0.44 -17.12
CA VAL A 556 14.85 -1.04 -16.87
C VAL A 556 15.48 -1.51 -18.18
N LEU B 30 -31.55 15.77 -33.45
CA LEU B 30 -30.81 16.20 -34.63
C LEU B 30 -31.44 15.56 -35.87
N GLU B 31 -30.88 15.84 -37.04
CA GLU B 31 -31.39 15.29 -38.29
C GLU B 31 -30.35 14.34 -38.89
N GLY B 32 -30.83 13.47 -39.76
CA GLY B 32 -30.00 12.44 -40.35
C GLY B 32 -30.28 11.08 -39.75
N ALA B 33 -31.51 10.86 -39.29
CA ALA B 33 -31.82 9.66 -38.56
C ALA B 33 -31.84 8.46 -39.49
N GLY B 34 -31.40 7.32 -38.97
CA GLY B 34 -31.37 6.09 -39.71
C GLY B 34 -30.67 5.00 -38.94
N PRO B 35 -30.57 3.81 -39.52
CA PRO B 35 -29.84 2.72 -38.86
C PRO B 35 -28.37 3.10 -38.67
N GLY B 36 -27.85 2.85 -37.47
CA GLY B 36 -26.51 3.22 -37.11
C GLY B 36 -26.37 4.57 -36.43
N ARG B 37 -27.31 5.49 -36.68
CA ARG B 37 -27.35 6.80 -36.03
C ARG B 37 -28.82 7.15 -35.75
N LEU B 38 -29.41 6.43 -34.82
CA LEU B 38 -30.85 6.56 -34.56
C LEU B 38 -31.23 7.95 -34.04
N HIS B 39 -30.26 8.71 -33.52
CA HIS B 39 -30.52 10.06 -33.04
C HIS B 39 -30.04 11.13 -34.00
N GLY B 40 -29.66 10.75 -35.23
CA GLY B 40 -29.18 11.70 -36.21
C GLY B 40 -27.67 11.87 -36.14
N ARG B 41 -27.17 12.68 -37.08
CA ARG B 41 -25.75 12.94 -37.16
C ARG B 41 -25.32 13.79 -35.96
N LEU B 42 -24.50 13.24 -35.09
CA LEU B 42 -24.12 13.89 -33.84
C LEU B 42 -22.75 14.55 -33.97
N GLY B 43 -22.61 15.71 -33.35
CA GLY B 43 -21.32 16.36 -33.27
C GLY B 43 -20.97 17.26 -34.43
N ILE B 44 -21.97 17.89 -35.05
CA ILE B 44 -21.77 18.80 -36.17
C ILE B 44 -22.09 20.21 -35.73
N LYS B 45 -21.27 21.17 -36.19
CA LYS B 45 -21.44 22.58 -35.87
C LYS B 45 -22.35 23.23 -36.91
N PRO B 46 -22.69 24.51 -36.77
CA PRO B 46 -23.44 25.18 -37.84
C PRO B 46 -22.77 25.07 -39.20
N ASP B 47 -21.43 25.16 -39.25
CA ASP B 47 -20.73 25.11 -40.53
C ASP B 47 -20.97 23.79 -41.25
N GLY B 48 -21.12 22.70 -40.51
CA GLY B 48 -21.24 21.37 -41.07
C GLY B 48 -20.04 20.47 -40.91
N GLN B 49 -19.06 20.85 -40.10
CA GLN B 49 -17.82 20.10 -39.87
C GLN B 49 -17.74 19.71 -38.40
N PRO B 50 -17.25 18.51 -38.07
CA PRO B 50 -17.27 18.06 -36.68
C PRO B 50 -16.57 19.00 -35.71
N GLY B 51 -17.18 19.16 -34.53
CA GLY B 51 -16.63 19.97 -33.45
C GLY B 51 -15.69 19.18 -32.56
N TYR B 52 -15.00 18.22 -33.16
CA TYR B 52 -14.07 17.34 -32.44
C TYR B 52 -12.80 17.19 -33.26
N THR B 53 -11.70 17.73 -32.75
CA THR B 53 -10.42 17.65 -33.46
C THR B 53 -9.87 16.25 -33.26
N ARG B 54 -10.05 15.40 -34.26
CA ARG B 54 -9.55 14.03 -34.20
C ARG B 54 -8.04 14.01 -34.33
N ALA B 55 -7.38 13.07 -33.59
CA ALA B 55 -5.93 13.03 -33.57
C ALA B 55 -5.37 12.11 -34.64
N PRO B 56 -4.15 12.38 -35.10
CA PRO B 56 -3.51 11.49 -36.08
C PRO B 56 -3.13 10.15 -35.45
N SER B 57 -2.67 9.25 -36.30
CA SER B 57 -2.27 7.92 -35.84
C SER B 57 -1.21 8.04 -34.74
N PRO B 58 -1.25 7.18 -33.73
CA PRO B 58 -0.23 7.22 -32.68
C PRO B 58 1.17 7.11 -33.26
N PRO B 59 2.18 7.54 -32.51
CA PRO B 59 3.55 7.55 -33.05
C PRO B 59 4.10 6.14 -33.26
N THR B 60 5.06 6.06 -34.18
CA THR B 60 5.80 4.81 -34.35
C THR B 60 6.71 4.58 -33.15
N ASP B 61 7.33 5.64 -32.64
CA ASP B 61 8.18 5.56 -31.44
C ASP B 61 7.34 5.70 -30.17
N LEU B 62 6.39 4.78 -30.03
CA LEU B 62 5.48 4.77 -28.90
C LEU B 62 5.86 3.69 -27.90
N SER B 63 6.01 4.08 -26.64
CA SER B 63 6.18 3.12 -25.55
C SER B 63 4.80 2.79 -24.99
N MET B 64 4.39 1.54 -25.16
CA MET B 64 3.07 1.09 -24.74
C MET B 64 2.94 0.94 -23.23
N PRO B 65 3.94 0.42 -22.51
CA PRO B 65 3.72 0.20 -21.08
C PRO B 65 3.51 1.48 -20.31
N GLN B 66 4.15 2.58 -20.74
CA GLN B 66 3.99 3.85 -20.06
CA GLN B 66 4.00 3.86 -20.07
C GLN B 66 2.84 4.67 -20.62
N ALA B 67 2.39 4.38 -21.83
CA ALA B 67 1.21 5.06 -22.36
C ALA B 67 -0.05 4.62 -21.63
N LEU B 68 -0.11 3.34 -21.23
CA LEU B 68 -1.24 2.86 -20.45
C LEU B 68 -1.27 3.42 -19.04
N ALA B 69 -0.24 4.17 -18.64
CA ALA B 69 -0.25 4.95 -17.41
C ALA B 69 -0.63 6.40 -17.67
N ARG B 70 -0.10 6.98 -18.75
CA ARG B 70 -0.46 8.33 -19.14
C ARG B 70 -1.94 8.44 -19.48
N GLY B 71 -2.49 7.39 -20.09
CA GLY B 71 -3.91 7.35 -20.42
C GLY B 71 -4.82 6.94 -19.28
N GLY B 72 -4.24 6.49 -18.18
CA GLY B 72 -5.05 6.11 -17.03
C GLY B 72 -5.72 4.77 -17.19
N GLY B 73 -5.00 3.78 -17.71
CA GLY B 73 -5.56 2.45 -17.83
C GLY B 73 -5.61 1.96 -19.27
N PHE B 74 -5.91 2.86 -20.21
CA PHE B 74 -6.03 2.48 -21.61
C PHE B 74 -5.25 3.46 -22.50
N ASN B 75 -4.80 2.94 -23.65
CA ASN B 75 -4.06 3.73 -24.62
C ASN B 75 -4.91 4.88 -25.14
N LEU B 76 -4.57 6.11 -24.74
CA LEU B 76 -5.35 7.28 -25.10
C LEU B 76 -4.90 7.91 -26.42
N TYR B 77 -3.64 7.72 -26.82
CA TYR B 77 -3.22 8.15 -28.15
C TYR B 77 -4.12 7.54 -29.22
N LEU B 78 -4.52 6.28 -29.01
CA LEU B 78 -5.36 5.59 -29.98
C LEU B 78 -6.81 6.05 -29.89
N SER B 79 -7.37 6.05 -28.68
CA SER B 79 -8.75 6.48 -28.52
C SER B 79 -8.97 7.87 -29.11
N ASP B 80 -7.99 8.76 -28.94
CA ASP B 80 -8.12 10.11 -29.50
C ASP B 80 -8.08 10.09 -31.02
N HIS B 81 -7.42 9.11 -31.61
CA HIS B 81 -7.38 9.02 -33.06
C HIS B 81 -8.59 8.29 -33.64
N LEU B 82 -9.34 7.58 -32.83
CA LEU B 82 -10.51 6.83 -33.29
C LEU B 82 -11.75 7.72 -33.31
N GLU B 83 -12.63 7.44 -34.26
CA GLU B 83 -13.81 8.28 -34.47
C GLU B 83 -14.84 8.08 -33.37
N LEU B 84 -15.58 9.15 -33.07
CA LEU B 84 -16.63 9.06 -32.06
C LEU B 84 -17.80 8.22 -32.54
N ASP B 85 -18.06 8.19 -33.85
CA ASP B 85 -19.07 7.33 -34.44
C ASP B 85 -18.46 6.00 -34.90
N ARG B 86 -17.74 5.36 -33.99
CA ARG B 86 -17.01 4.15 -34.31
C ARG B 86 -17.99 2.98 -34.38
N THR B 87 -18.12 2.38 -35.57
CA THR B 87 -18.94 1.19 -35.69
C THR B 87 -18.30 0.05 -34.89
N ALA B 88 -19.14 -0.84 -34.37
CA ALA B 88 -18.68 -1.96 -33.57
C ALA B 88 -19.40 -3.23 -34.00
N PRO B 89 -18.73 -4.37 -33.95
CA PRO B 89 -19.38 -5.63 -34.33
C PRO B 89 -20.50 -5.98 -33.37
N ASP B 90 -21.52 -6.66 -33.91
CA ASP B 90 -22.66 -7.12 -33.10
C ASP B 90 -22.26 -8.40 -32.38
N ALA B 91 -22.20 -8.34 -31.05
CA ALA B 91 -21.71 -9.47 -30.26
C ALA B 91 -22.81 -10.40 -29.75
N ARG B 92 -24.08 -10.08 -29.95
CA ARG B 92 -25.14 -10.96 -29.47
C ARG B 92 -25.24 -12.20 -30.35
N HIS B 93 -25.73 -13.28 -29.75
CA HIS B 93 -25.92 -14.54 -30.48
C HIS B 93 -26.86 -14.34 -31.65
N ALA B 94 -26.62 -15.10 -32.72
CA ALA B 94 -27.44 -14.97 -33.92
C ALA B 94 -28.91 -15.12 -33.61
N SER B 95 -29.26 -15.90 -32.59
CA SER B 95 -30.66 -16.09 -32.25
C SER B 95 -31.24 -14.84 -31.58
N CYS B 96 -30.40 -14.04 -30.94
CA CYS B 96 -30.89 -12.81 -30.32
C CYS B 96 -31.37 -11.80 -31.35
N ARG B 97 -30.76 -11.79 -32.54
CA ARG B 97 -31.13 -10.81 -33.54
C ARG B 97 -32.49 -11.11 -34.15
N GLN B 98 -32.98 -12.34 -34.00
CA GLN B 98 -34.25 -12.79 -34.56
C GLN B 98 -35.43 -12.45 -33.65
N LEU B 99 -35.38 -11.33 -32.94
CA LEU B 99 -36.42 -10.90 -32.03
C LEU B 99 -37.03 -9.59 -32.48
N HIS B 100 -38.20 -9.30 -31.92
CA HIS B 100 -38.97 -8.10 -32.23
C HIS B 100 -39.42 -7.45 -30.93
N TYR B 101 -39.26 -6.12 -30.84
CA TYR B 101 -39.74 -5.34 -29.71
C TYR B 101 -40.63 -4.21 -30.25
N ASP B 102 -41.74 -3.97 -29.56
CA ASP B 102 -42.70 -2.92 -29.95
C ASP B 102 -42.34 -1.67 -29.17
N LEU B 103 -41.67 -0.73 -29.83
CA LEU B 103 -41.10 0.43 -29.14
C LEU B 103 -42.19 1.30 -28.53
N SER B 104 -43.32 1.45 -29.22
CA SER B 104 -44.39 2.32 -28.74
C SER B 104 -45.04 1.80 -27.46
N THR B 105 -44.82 0.53 -27.11
CA THR B 105 -45.44 -0.09 -25.94
C THR B 105 -44.44 -0.36 -24.82
N LEU B 106 -43.25 0.26 -24.89
CA LEU B 106 -42.22 0.12 -23.87
C LEU B 106 -42.01 1.44 -23.15
N PRO B 107 -41.67 1.40 -21.87
CA PRO B 107 -41.46 2.64 -21.12
C PRO B 107 -40.13 3.29 -21.47
N LYS B 108 -40.15 4.61 -21.51
CA LYS B 108 -38.91 5.35 -21.74
C LYS B 108 -37.95 5.14 -20.56
N ALA B 109 -36.68 5.35 -20.83
CA ALA B 109 -35.65 5.13 -19.84
C ALA B 109 -34.60 6.23 -19.92
N SER B 110 -34.04 6.58 -18.76
CA SER B 110 -33.01 7.60 -18.65
C SER B 110 -31.68 6.88 -18.44
N VAL B 111 -30.81 6.97 -19.45
CA VAL B 111 -29.45 6.42 -19.32
C VAL B 111 -28.60 7.43 -18.53
N ILE B 112 -27.91 6.94 -17.51
CA ILE B 112 -27.07 7.77 -16.66
C ILE B 112 -25.64 7.31 -16.82
N ILE B 113 -24.77 8.24 -17.21
CA ILE B 113 -23.34 7.99 -17.32
C ILE B 113 -22.65 8.89 -16.31
N VAL B 114 -22.08 8.29 -15.28
CA VAL B 114 -21.28 9.02 -14.30
C VAL B 114 -19.83 8.90 -14.71
N PHE B 115 -19.05 9.94 -14.45
CA PHE B 115 -17.67 9.95 -14.91
C PHE B 115 -16.87 10.92 -14.03
N TYR B 116 -15.58 10.59 -13.84
CA TYR B 116 -14.65 11.46 -13.13
C TYR B 116 -13.33 11.46 -13.87
N ASN B 117 -12.91 12.63 -14.34
CA ASN B 117 -11.65 12.78 -15.08
C ASN B 117 -11.57 11.75 -16.20
N GLU B 118 -12.70 11.48 -16.82
CA GLU B 118 -12.71 10.62 -18.00
C GLU B 118 -12.22 11.42 -19.21
N PRO B 119 -11.34 10.84 -20.02
CA PRO B 119 -10.91 11.55 -21.23
C PRO B 119 -12.07 11.84 -22.17
N PHE B 120 -11.87 12.87 -23.00
CA PHE B 120 -12.94 13.31 -23.90
C PHE B 120 -13.31 12.20 -24.89
N SER B 121 -12.32 11.58 -25.52
CA SER B 121 -12.59 10.60 -26.56
C SER B 121 -13.47 9.47 -26.04
N THR B 122 -13.11 8.89 -24.90
CA THR B 122 -13.88 7.78 -24.36
C THR B 122 -15.28 8.24 -23.97
N LEU B 123 -15.40 9.37 -23.30
CA LEU B 123 -16.70 9.82 -22.82
C LEU B 123 -17.64 10.12 -23.97
N MET B 124 -17.15 10.78 -25.03
CA MET B 124 -18.06 11.11 -26.11
C MET B 124 -18.38 9.90 -26.98
N ARG B 125 -17.38 9.04 -27.22
CA ARG B 125 -17.68 7.81 -27.94
C ARG B 125 -18.74 6.99 -27.21
N SER B 126 -18.77 7.05 -25.88
CA SER B 126 -19.85 6.40 -25.15
C SER B 126 -21.18 7.06 -25.46
N VAL B 127 -21.27 8.38 -25.27
CA VAL B 127 -22.52 9.09 -25.56
C VAL B 127 -22.93 8.87 -27.01
N HIS B 128 -21.98 8.97 -27.95
CA HIS B 128 -22.30 8.71 -29.35
C HIS B 128 -22.86 7.30 -29.52
N SER B 129 -22.19 6.31 -28.93
CA SER B 129 -22.64 4.93 -29.10
C SER B 129 -24.05 4.74 -28.56
N VAL B 130 -24.36 5.38 -27.42
CA VAL B 130 -25.69 5.29 -26.85
C VAL B 130 -26.71 5.92 -27.78
N LEU B 131 -26.48 7.19 -28.14
CA LEU B 131 -27.41 7.89 -29.02
C LEU B 131 -27.50 7.25 -30.40
N ASN B 132 -26.41 6.66 -30.87
CA ASN B 132 -26.42 6.08 -32.21
C ASN B 132 -27.13 4.74 -32.25
N GLY B 133 -27.19 4.03 -31.13
CA GLY B 133 -27.72 2.68 -31.14
C GLY B 133 -28.93 2.44 -30.27
N THR B 134 -29.61 3.52 -29.87
CA THR B 134 -30.80 3.41 -29.02
C THR B 134 -31.91 4.24 -29.67
N PRO B 135 -33.07 3.67 -29.96
CA PRO B 135 -34.17 4.45 -30.53
C PRO B 135 -34.52 5.62 -29.62
N PRO B 136 -34.85 6.79 -30.19
CA PRO B 136 -35.23 7.93 -29.34
C PRO B 136 -36.55 7.72 -28.63
N GLN B 137 -37.40 6.82 -29.14
CA GLN B 137 -38.72 6.60 -28.54
C GLN B 137 -38.60 6.06 -27.13
N ILE B 138 -37.54 5.31 -26.84
CA ILE B 138 -37.37 4.67 -25.54
C ILE B 138 -36.35 5.37 -24.67
N LEU B 139 -35.69 6.41 -25.18
CA LEU B 139 -34.67 7.15 -24.43
C LEU B 139 -35.24 8.51 -24.05
N GLU B 140 -35.66 8.64 -22.80
CA GLU B 140 -36.15 9.93 -22.31
C GLU B 140 -35.03 10.96 -22.32
N GLU B 141 -33.87 10.59 -21.78
CA GLU B 141 -32.78 11.54 -21.57
C GLU B 141 -31.48 10.78 -21.39
N LEU B 142 -30.37 11.52 -21.46
CA LEU B 142 -29.04 11.00 -21.18
C LEU B 142 -28.38 11.93 -20.19
N ILE B 143 -28.27 11.51 -18.93
CA ILE B 143 -27.76 12.34 -17.85
C ILE B 143 -26.27 12.04 -17.68
N LEU B 144 -25.44 13.08 -17.80
CA LEU B 144 -24.01 12.98 -17.56
C LEU B 144 -23.69 13.60 -16.21
N VAL B 145 -23.00 12.86 -15.35
CA VAL B 145 -22.73 13.28 -13.99
C VAL B 145 -21.22 13.48 -13.84
N ASP B 146 -20.81 14.73 -13.70
CA ASP B 146 -19.42 15.08 -13.43
C ASP B 146 -19.20 14.99 -11.92
N ASP B 147 -18.47 13.95 -11.50
CA ASP B 147 -18.21 13.72 -10.09
C ASP B 147 -16.99 14.49 -9.59
N GLY B 148 -16.99 15.80 -9.83
CA GLY B 148 -15.91 16.66 -9.40
C GLY B 148 -14.64 16.53 -10.21
N SER B 149 -14.77 16.29 -11.51
CA SER B 149 -13.59 16.16 -12.36
C SER B 149 -12.72 17.41 -12.25
N THR B 150 -11.42 17.20 -12.38
CA THR B 150 -10.44 18.27 -12.33
C THR B 150 -9.76 18.50 -13.67
N LEU B 151 -10.17 17.79 -14.71
CA LEU B 151 -9.59 18.00 -16.03
C LEU B 151 -10.03 19.34 -16.58
N PRO B 152 -9.17 20.01 -17.37
CA PRO B 152 -9.54 21.35 -17.85
C PRO B 152 -10.74 21.34 -18.78
N TYR B 153 -10.91 20.28 -19.57
CA TYR B 153 -12.03 20.22 -20.51
C TYR B 153 -13.35 19.94 -19.81
N ILE B 154 -13.33 19.35 -18.62
CA ILE B 154 -14.57 19.04 -17.91
C ILE B 154 -14.87 20.03 -16.79
N ARG B 155 -13.98 20.97 -16.54
CA ARG B 155 -14.20 21.94 -15.49
C ARG B 155 -14.99 23.13 -16.04
N GLU B 156 -15.83 23.70 -15.19
CA GLU B 156 -16.54 24.92 -15.56
C GLU B 156 -15.68 26.17 -15.45
N ASP B 157 -14.45 26.05 -14.95
CA ASP B 157 -13.50 27.14 -14.91
C ASP B 157 -12.32 26.86 -15.85
N GLY B 158 -12.60 26.16 -16.95
CA GLY B 158 -11.58 25.72 -17.88
C GLY B 158 -11.90 26.11 -19.31
N ASN B 159 -11.35 25.37 -20.26
CA ASN B 159 -11.55 25.68 -21.67
C ASN B 159 -12.98 25.43 -22.13
N GLN B 160 -13.76 24.65 -21.39
CA GLN B 160 -15.19 24.46 -21.66
C GLN B 160 -15.43 23.59 -22.89
N GLN B 161 -14.51 22.67 -23.19
CA GLN B 161 -14.68 21.83 -24.37
C GLN B 161 -15.92 20.96 -24.27
N LEU B 162 -16.16 20.39 -23.10
CA LEU B 162 -17.30 19.49 -22.94
C LEU B 162 -18.62 20.24 -23.07
N VAL B 163 -18.79 21.33 -22.31
CA VAL B 163 -20.07 22.04 -22.33
C VAL B 163 -20.36 22.58 -23.72
N GLU B 164 -19.34 23.16 -24.37
CA GLU B 164 -19.51 23.71 -25.70
C GLU B 164 -19.95 22.62 -26.68
N TYR B 165 -19.23 21.49 -26.68
CA TYR B 165 -19.54 20.39 -27.59
C TYR B 165 -20.93 19.82 -27.33
N LEU B 166 -21.43 19.92 -26.10
CA LEU B 166 -22.73 19.34 -25.79
C LEU B 166 -23.86 20.04 -26.53
N LYS B 167 -23.73 21.35 -26.79
CA LYS B 167 -24.75 22.05 -27.58
C LYS B 167 -24.92 21.41 -28.96
N LEU B 168 -23.93 20.66 -29.42
CA LEU B 168 -24.02 19.94 -30.68
C LEU B 168 -24.67 18.57 -30.52
N LEU B 169 -25.26 18.30 -29.36
CA LEU B 169 -25.99 17.07 -29.11
C LEU B 169 -27.43 17.41 -28.73
N PRO B 170 -28.38 16.50 -28.97
CA PRO B 170 -29.78 16.81 -28.64
C PRO B 170 -29.98 17.23 -27.19
N ALA B 171 -31.12 17.85 -26.90
CA ALA B 171 -31.39 18.29 -25.54
C ALA B 171 -31.50 17.11 -24.58
N LYS B 172 -31.84 15.92 -25.08
CA LYS B 172 -31.87 14.73 -24.24
C LYS B 172 -30.61 14.67 -23.37
N VAL B 173 -29.46 14.94 -23.97
CA VAL B 173 -28.19 14.90 -23.24
C VAL B 173 -28.11 16.14 -22.37
N ARG B 174 -28.08 15.94 -21.05
CA ARG B 174 -27.99 17.04 -20.09
C ARG B 174 -26.90 16.69 -19.08
N LEU B 175 -26.00 17.64 -18.86
CA LEU B 175 -24.89 17.45 -17.93
C LEU B 175 -25.26 18.01 -16.55
N ILE B 176 -24.87 17.29 -15.50
CA ILE B 176 -24.98 17.76 -14.13
C ILE B 176 -23.67 17.40 -13.42
N ARG B 177 -23.38 18.12 -12.34
CA ARG B 177 -22.09 18.04 -11.69
C ARG B 177 -22.26 17.91 -10.18
N ASN B 178 -21.20 17.42 -9.53
CA ASN B 178 -21.03 17.53 -8.09
C ASN B 178 -19.92 18.54 -7.83
N GLU B 179 -20.16 19.49 -6.93
CA GLU B 179 -19.11 20.44 -6.60
C GLU B 179 -17.89 19.76 -6.02
N VAL B 180 -18.03 18.52 -5.52
CA VAL B 180 -16.91 17.76 -5.01
C VAL B 180 -17.14 16.29 -5.30
N ARG B 181 -16.05 15.58 -5.54
CA ARG B 181 -16.11 14.14 -5.80
C ARG B 181 -16.68 13.37 -4.62
N LYS B 182 -17.80 12.68 -4.87
CA LYS B 182 -18.46 11.86 -3.87
C LYS B 182 -18.21 10.37 -4.06
N GLY B 183 -17.83 9.95 -5.25
CA GLY B 183 -17.64 8.53 -5.53
C GLY B 183 -18.72 7.99 -6.45
N ILE B 184 -18.59 6.70 -6.76
CA ILE B 184 -19.58 6.05 -7.60
C ILE B 184 -20.96 6.14 -6.99
N VAL B 185 -21.09 5.72 -5.73
CA VAL B 185 -22.39 5.78 -5.07
C VAL B 185 -22.93 7.20 -5.07
N GLY B 186 -22.12 8.16 -4.63
CA GLY B 186 -22.57 9.54 -4.58
C GLY B 186 -23.01 10.07 -5.93
N ALA B 187 -22.20 9.81 -6.97
CA ALA B 187 -22.49 10.35 -8.29
C ALA B 187 -23.67 9.63 -8.94
N ARG B 188 -23.79 8.32 -8.70
CA ARG B 188 -24.86 7.56 -9.35
C ARG B 188 -26.23 7.94 -8.80
N MET B 189 -26.34 8.15 -7.49
CA MET B 189 -27.62 8.59 -6.93
C MET B 189 -28.05 9.92 -7.54
N LYS B 190 -27.11 10.88 -7.64
CA LYS B 190 -27.43 12.15 -8.29
C LYS B 190 -28.08 11.94 -9.65
N GLY B 191 -27.54 11.02 -10.46
CA GLY B 191 -28.14 10.78 -11.76
C GLY B 191 -29.51 10.16 -11.65
N ILE B 192 -29.65 9.14 -10.81
CA ILE B 192 -30.95 8.49 -10.65
C ILE B 192 -31.96 9.46 -10.07
N ARG B 193 -31.55 10.24 -9.05
CA ARG B 193 -32.45 11.21 -8.45
C ARG B 193 -32.88 12.28 -9.44
N ALA B 194 -32.01 12.63 -10.40
CA ALA B 194 -32.37 13.59 -11.42
C ALA B 194 -33.11 12.95 -12.59
N SER B 195 -33.06 11.63 -12.72
CA SER B 195 -33.72 10.94 -13.83
C SER B 195 -35.22 11.16 -13.79
N ARG B 196 -35.85 11.10 -14.98
CA ARG B 196 -37.27 11.36 -15.14
C ARG B 196 -38.05 10.16 -15.64
N ALA B 197 -37.42 9.01 -15.78
CA ALA B 197 -38.06 7.90 -16.47
C ALA B 197 -38.49 6.82 -15.49
N PRO B 198 -39.50 6.02 -15.86
CA PRO B 198 -39.85 4.86 -15.01
C PRO B 198 -38.70 3.90 -14.84
N ILE B 199 -37.72 3.93 -15.73
CA ILE B 199 -36.56 3.05 -15.67
C ILE B 199 -35.31 3.87 -15.93
N PHE B 200 -34.22 3.49 -15.27
CA PHE B 200 -32.92 4.06 -15.52
C PHE B 200 -31.94 2.96 -15.89
N ALA B 201 -30.97 3.32 -16.72
CA ALA B 201 -29.89 2.41 -17.11
C ALA B 201 -28.56 3.08 -16.85
N ILE B 202 -27.78 2.53 -15.96
CA ILE B 202 -26.48 3.06 -15.60
C ILE B 202 -25.43 2.45 -16.51
N LEU B 203 -24.49 3.27 -16.98
CA LEU B 203 -23.42 2.81 -17.86
C LEU B 203 -22.12 3.50 -17.46
N ASP B 204 -21.01 2.91 -17.88
CA ASP B 204 -19.72 3.51 -17.63
C ASP B 204 -19.42 4.57 -18.69
N SER B 205 -18.38 5.36 -18.44
CA SER B 205 -17.99 6.45 -19.32
C SER B 205 -16.95 6.02 -20.35
N HIS B 206 -16.72 4.72 -20.50
CA HIS B 206 -15.76 4.15 -21.45
C HIS B 206 -16.36 2.87 -22.02
N ILE B 207 -17.39 3.02 -22.87
CA ILE B 207 -18.18 1.88 -23.30
C ILE B 207 -18.63 2.05 -24.75
N GLU B 208 -19.02 0.94 -25.37
CA GLU B 208 -19.65 0.93 -26.68
C GLU B 208 -20.68 -0.19 -26.69
N VAL B 209 -21.86 0.09 -27.21
CA VAL B 209 -22.97 -0.84 -27.11
C VAL B 209 -23.12 -1.59 -28.42
N SER B 210 -23.82 -2.72 -28.36
CA SER B 210 -24.20 -3.49 -29.52
C SER B 210 -25.67 -3.23 -29.84
N PRO B 211 -26.15 -3.66 -31.00
CA PRO B 211 -27.53 -3.35 -31.39
C PRO B 211 -28.56 -3.81 -30.38
N GLN B 212 -29.68 -3.07 -30.34
CA GLN B 212 -30.83 -3.39 -29.48
C GLN B 212 -30.37 -3.78 -28.09
N TRP B 213 -29.55 -2.91 -27.49
CA TRP B 213 -29.01 -3.18 -26.17
C TRP B 213 -30.02 -2.86 -25.07
N LEU B 214 -30.80 -1.80 -25.24
CA LEU B 214 -31.76 -1.38 -24.22
C LEU B 214 -33.12 -2.01 -24.38
N GLU B 215 -33.47 -2.44 -25.59
CA GLU B 215 -34.80 -3.01 -25.82
C GLU B 215 -35.06 -4.22 -24.92
N PRO B 216 -34.15 -5.18 -24.80
CA PRO B 216 -34.45 -6.35 -23.93
C PRO B 216 -34.64 -5.97 -22.48
N LEU B 217 -33.82 -5.04 -21.97
CA LEU B 217 -33.95 -4.65 -20.57
C LEU B 217 -35.33 -4.09 -20.29
N LEU B 218 -35.79 -3.14 -21.12
CA LEU B 218 -37.06 -2.48 -20.87
C LEU B 218 -38.20 -3.50 -20.84
N LEU B 219 -38.26 -4.36 -21.84
CA LEU B 219 -39.30 -5.38 -21.89
C LEU B 219 -39.32 -6.23 -20.61
N ARG B 220 -38.13 -6.59 -20.12
CA ARG B 220 -38.05 -7.46 -18.95
C ARG B 220 -38.55 -6.75 -17.70
N ILE B 221 -38.18 -5.47 -17.53
CA ILE B 221 -38.61 -4.74 -16.35
C ILE B 221 -40.08 -4.36 -16.45
N LYS B 222 -40.62 -4.24 -17.67
CA LYS B 222 -42.03 -3.91 -17.83
C LYS B 222 -42.91 -5.01 -17.24
N GLU B 223 -42.55 -6.27 -17.44
CA GLU B 223 -43.37 -7.38 -16.98
C GLU B 223 -43.25 -7.64 -15.49
N ASP B 224 -42.23 -7.09 -14.83
CA ASP B 224 -42.08 -7.24 -13.38
C ASP B 224 -41.09 -6.18 -12.90
N SER B 225 -41.62 -5.09 -12.34
CA SER B 225 -40.78 -3.97 -11.94
C SER B 225 -39.75 -4.33 -10.88
N ARG B 226 -39.88 -5.50 -10.25
CA ARG B 226 -38.96 -5.88 -9.20
C ARG B 226 -37.66 -6.46 -9.73
N ARG B 227 -37.51 -6.58 -11.05
CA ARG B 227 -36.34 -7.19 -11.66
C ARG B 227 -35.29 -6.12 -11.96
N VAL B 228 -34.06 -6.37 -11.51
CA VAL B 228 -32.91 -5.55 -11.86
C VAL B 228 -32.11 -6.34 -12.89
N VAL B 229 -32.05 -5.82 -14.11
CA VAL B 229 -31.47 -6.54 -15.23
C VAL B 229 -30.15 -5.89 -15.62
N MET B 230 -29.14 -6.72 -15.88
CA MET B 230 -27.81 -6.26 -16.22
C MET B 230 -27.38 -6.85 -17.57
N PRO B 231 -26.82 -6.05 -18.46
CA PRO B 231 -26.32 -6.58 -19.73
C PRO B 231 -25.01 -7.33 -19.57
N GLN B 232 -24.78 -8.26 -20.51
CA GLN B 232 -23.51 -8.96 -20.56
C GLN B 232 -22.42 -7.98 -21.03
N ILE B 233 -21.26 -8.03 -20.38
CA ILE B 233 -20.22 -7.04 -20.60
C ILE B 233 -19.15 -7.67 -21.49
N ASP B 234 -19.05 -7.18 -22.73
CA ASP B 234 -17.94 -7.50 -23.61
C ASP B 234 -16.80 -6.52 -23.33
N GLY B 235 -15.74 -6.57 -24.13
CA GLY B 235 -14.54 -5.82 -23.84
C GLY B 235 -14.01 -5.04 -25.03
N ILE B 236 -13.43 -3.88 -24.71
CA ILE B 236 -12.64 -3.07 -25.64
C ILE B 236 -11.22 -3.10 -25.11
N ASP B 237 -10.30 -3.70 -25.86
CA ASP B 237 -8.94 -3.83 -25.38
C ASP B 237 -8.36 -2.46 -25.07
N ALA B 238 -7.57 -2.40 -23.98
CA ALA B 238 -7.00 -1.12 -23.58
C ALA B 238 -5.88 -0.71 -24.53
N GLU B 239 -5.05 -1.66 -24.94
CA GLU B 239 -3.90 -1.35 -25.78
C GLU B 239 -4.29 -1.18 -27.24
N THR B 240 -5.02 -2.15 -27.80
CA THR B 240 -5.35 -2.15 -29.22
C THR B 240 -6.72 -1.60 -29.52
N PHE B 241 -7.62 -1.54 -28.53
CA PHE B 241 -9.01 -1.12 -28.71
C PHE B 241 -9.79 -2.06 -29.60
N LYS B 242 -9.25 -3.25 -29.88
CA LYS B 242 -10.01 -4.27 -30.60
C LYS B 242 -11.22 -4.69 -29.76
N HIS B 243 -12.30 -5.03 -30.44
CA HIS B 243 -13.50 -5.53 -29.76
C HIS B 243 -13.36 -7.02 -29.48
N ILE B 244 -13.56 -7.42 -28.23
CA ILE B 244 -13.37 -8.78 -27.79
C ILE B 244 -14.68 -9.29 -27.21
N ALA B 245 -15.11 -10.47 -27.64
CA ALA B 245 -16.33 -11.07 -27.11
C ALA B 245 -16.03 -11.85 -25.83
N GLY B 246 -16.97 -11.82 -24.89
CA GLY B 246 -16.80 -12.51 -23.62
C GLY B 246 -16.18 -11.65 -22.54
N CYS B 250 -22.59 -15.66 -17.60
CA CYS B 250 -23.67 -14.77 -17.18
C CYS B 250 -24.01 -14.88 -15.70
N LYS B 251 -23.75 -16.05 -15.11
CA LYS B 251 -23.96 -16.26 -13.68
C LYS B 251 -22.68 -15.92 -12.93
N LEU B 252 -22.82 -15.08 -11.90
CA LEU B 252 -21.66 -14.52 -11.19
C LEU B 252 -21.92 -14.55 -9.69
N GLY B 253 -21.00 -15.13 -8.93
CA GLY B 253 -21.06 -15.20 -7.48
C GLY B 253 -20.13 -14.22 -6.81
N PHE B 254 -19.53 -14.65 -5.70
CA PHE B 254 -18.63 -13.79 -4.94
C PHE B 254 -17.54 -14.63 -4.28
N LEU B 255 -16.45 -13.95 -3.92
CA LEU B 255 -15.36 -14.51 -3.14
C LEU B 255 -15.41 -13.96 -1.72
N TRP B 256 -14.78 -14.68 -0.79
CA TRP B 256 -14.77 -14.25 0.60
C TRP B 256 -13.85 -13.06 0.85
N LYS B 257 -13.09 -12.65 -0.16
CA LYS B 257 -12.44 -11.34 -0.15
C LYS B 257 -13.42 -10.22 -0.45
N LEU B 258 -14.71 -10.53 -0.60
CA LEU B 258 -15.75 -9.57 -0.96
C LEU B 258 -15.44 -8.94 -2.32
N MET B 259 -15.32 -9.83 -3.31
CA MET B 259 -15.09 -9.49 -4.70
C MET B 259 -16.00 -10.35 -5.57
N GLU B 260 -16.47 -9.77 -6.67
CA GLU B 260 -17.29 -10.52 -7.62
C GLU B 260 -16.45 -11.62 -8.27
N HIS B 261 -17.06 -12.78 -8.49
CA HIS B 261 -16.36 -13.91 -9.08
C HIS B 261 -17.32 -14.68 -9.99
N SER B 262 -16.86 -14.99 -11.20
CA SER B 262 -17.68 -15.68 -12.18
C SER B 262 -17.77 -17.16 -11.85
N TYR B 263 -18.98 -17.72 -12.03
CA TYR B 263 -19.21 -19.14 -11.80
C TYR B 263 -18.15 -19.99 -12.50
N GLU B 264 -17.47 -20.84 -11.73
CA GLU B 264 -16.48 -21.75 -12.27
C GLU B 264 -17.15 -23.03 -12.77
N GLY B 265 -16.33 -23.97 -13.26
CA GLY B 265 -16.87 -25.21 -13.77
C GLY B 265 -17.59 -26.01 -12.70
N HIS B 266 -16.90 -26.27 -11.59
CA HIS B 266 -17.52 -27.05 -10.52
C HIS B 266 -18.77 -26.36 -9.97
N GLN B 267 -18.85 -25.03 -10.11
CA GLN B 267 -20.05 -24.32 -9.66
C GLN B 267 -21.18 -24.44 -10.67
N THR B 268 -20.85 -24.35 -11.96
CA THR B 268 -21.84 -24.60 -13.01
C THR B 268 -22.27 -26.06 -13.05
N ALA B 269 -21.48 -26.96 -12.47
CA ALA B 269 -21.88 -28.36 -12.38
C ALA B 269 -22.88 -28.60 -11.26
N ARG B 270 -22.82 -27.78 -10.21
CA ARG B 270 -23.79 -27.85 -9.14
C ARG B 270 -25.14 -27.27 -9.54
N LEU B 271 -25.23 -26.67 -10.73
CA LEU B 271 -26.48 -26.10 -11.20
C LEU B 271 -27.47 -27.21 -11.54
N PRO B 272 -28.77 -26.89 -11.55
CA PRO B 272 -29.75 -27.86 -12.02
C PRO B 272 -29.40 -28.29 -13.44
N PRO B 273 -29.65 -29.55 -13.78
CA PRO B 273 -29.18 -30.03 -15.10
C PRO B 273 -29.68 -29.18 -16.26
N GLU B 274 -30.88 -28.61 -16.15
CA GLU B 274 -31.49 -27.85 -17.23
C GLU B 274 -31.05 -26.39 -17.24
N GLU B 275 -30.16 -25.99 -16.34
CA GLU B 275 -29.65 -24.63 -16.27
C GLU B 275 -28.13 -24.59 -16.42
N ARG B 276 -27.51 -25.72 -16.76
CA ARG B 276 -26.06 -25.78 -16.85
C ARG B 276 -25.54 -25.14 -18.14
N GLN B 277 -26.34 -25.16 -19.20
CA GLN B 277 -26.00 -24.51 -20.46
C GLN B 277 -27.24 -23.84 -21.02
N PRO B 278 -27.65 -22.71 -20.45
CA PRO B 278 -28.90 -22.07 -20.88
C PRO B 278 -28.82 -21.56 -22.31
N SER B 279 -29.99 -21.32 -22.90
CA SER B 279 -30.07 -20.87 -24.28
C SER B 279 -29.60 -19.42 -24.38
N PRO B 280 -29.24 -18.98 -25.59
CA PRO B 280 -28.69 -17.62 -25.74
C PRO B 280 -29.72 -16.53 -25.51
N THR B 281 -31.01 -16.85 -25.55
CA THR B 281 -32.07 -15.86 -25.44
C THR B 281 -32.75 -15.88 -24.09
N ASP B 282 -32.30 -16.72 -23.16
CA ASP B 282 -32.93 -16.86 -21.86
C ASP B 282 -32.38 -15.86 -20.87
N PHE B 283 -33.26 -15.38 -19.98
CA PHE B 283 -32.84 -14.56 -18.85
C PHE B 283 -32.42 -15.47 -17.71
N GLN B 284 -31.20 -15.30 -17.23
CA GLN B 284 -30.62 -16.16 -16.21
C GLN B 284 -30.37 -15.34 -14.96
N THR B 285 -30.83 -15.84 -13.82
CA THR B 285 -30.63 -15.14 -12.56
C THR B 285 -29.17 -15.24 -12.14
N SER B 286 -28.67 -14.19 -11.51
CA SER B 286 -27.28 -14.12 -11.09
C SER B 286 -27.23 -13.76 -9.61
N PRO B 287 -26.51 -14.54 -8.79
CA PRO B 287 -26.38 -14.16 -7.38
C PRO B 287 -25.84 -12.75 -7.20
N ALA B 288 -24.91 -12.33 -8.05
CA ALA B 288 -24.28 -11.03 -7.95
C ALA B 288 -24.09 -10.42 -9.33
N MET B 289 -23.78 -9.13 -9.35
CA MET B 289 -23.55 -8.35 -10.56
C MET B 289 -22.09 -7.91 -10.60
N ALA B 290 -21.65 -7.47 -11.78
CA ALA B 290 -20.25 -7.17 -12.00
C ALA B 290 -19.90 -5.72 -11.66
N GLY B 291 -20.80 -5.01 -10.99
CA GLY B 291 -20.55 -3.63 -10.62
C GLY B 291 -20.94 -2.62 -11.68
N GLY B 292 -22.03 -1.90 -11.41
CA GLY B 292 -22.58 -0.98 -12.37
C GLY B 292 -23.23 -1.70 -13.54
N LEU B 293 -23.57 -0.89 -14.54
CA LEU B 293 -24.16 -1.36 -15.78
C LEU B 293 -25.36 -2.27 -15.52
N PHE B 294 -26.51 -1.65 -15.28
CA PHE B 294 -27.75 -2.38 -15.06
C PHE B 294 -28.91 -1.43 -15.30
N ALA B 295 -30.09 -2.02 -15.47
CA ALA B 295 -31.33 -1.27 -15.58
C ALA B 295 -32.27 -1.68 -14.45
N ALA B 296 -33.12 -0.75 -14.02
CA ALA B 296 -33.97 -1.01 -12.88
C ALA B 296 -35.10 0.00 -12.83
N ASN B 297 -36.27 -0.45 -12.41
CA ASN B 297 -37.38 0.47 -12.16
C ASN B 297 -37.02 1.43 -11.04
N LYS B 298 -37.10 2.73 -11.31
CA LYS B 298 -36.64 3.73 -10.35
C LYS B 298 -37.38 3.58 -9.02
N ALA B 299 -38.71 3.51 -9.06
CA ALA B 299 -39.49 3.39 -7.83
C ALA B 299 -39.03 2.19 -7.02
N PHE B 300 -39.00 1.01 -7.64
CA PHE B 300 -38.54 -0.19 -6.93
C PHE B 300 -37.13 0.00 -6.40
N PHE B 301 -36.22 0.49 -7.24
CA PHE B 301 -34.84 0.66 -6.82
C PHE B 301 -34.75 1.44 -5.51
N PHE B 302 -35.59 2.46 -5.35
CA PHE B 302 -35.61 3.22 -4.11
C PHE B 302 -36.32 2.49 -2.98
N ASP B 303 -37.20 1.54 -3.29
CA ASP B 303 -37.92 0.80 -2.25
C ASP B 303 -37.19 -0.44 -1.76
N VAL B 304 -36.26 -0.98 -2.56
CA VAL B 304 -35.48 -2.15 -2.15
C VAL B 304 -34.19 -1.63 -1.51
N GLY B 305 -34.10 -0.33 -1.28
CA GLY B 305 -32.88 0.27 -0.82
C GLY B 305 -32.10 0.71 -2.04
N ALA B 306 -31.64 1.95 -2.08
CA ALA B 306 -31.00 2.43 -3.30
C ALA B 306 -29.52 2.05 -3.30
N TYR B 307 -28.73 2.82 -2.56
CA TYR B 307 -27.29 2.58 -2.41
C TYR B 307 -26.95 3.08 -1.02
N ASP B 308 -26.23 2.27 -0.24
CA ASP B 308 -25.72 2.75 1.04
C ASP B 308 -24.89 4.00 0.75
N GLU B 309 -25.42 5.18 1.07
CA GLU B 309 -24.78 6.44 0.71
C GLU B 309 -23.59 6.80 1.58
N ASP B 310 -23.16 5.90 2.47
CA ASP B 310 -21.89 6.03 3.15
C ASP B 310 -20.77 5.22 2.49
N PHE B 311 -21.09 4.41 1.48
CA PHE B 311 -20.06 3.83 0.62
C PHE B 311 -19.27 4.95 -0.04
N GLN B 312 -17.94 4.81 -0.05
CA GLN B 312 -17.04 5.88 -0.48
C GLN B 312 -16.31 5.48 -1.76
N PHE B 313 -16.22 6.43 -2.70
CA PHE B 313 -15.40 6.27 -3.89
C PHE B 313 -15.62 4.91 -4.55
N TRP B 314 -14.55 4.23 -4.95
CA TRP B 314 -14.68 2.90 -5.53
C TRP B 314 -14.71 1.86 -4.41
N GLY B 315 -15.48 0.80 -4.63
CA GLY B 315 -15.54 -0.26 -3.63
C GLY B 315 -16.57 -1.30 -4.00
N THR B 316 -16.99 -2.05 -2.99
CA THR B 316 -17.86 -3.20 -3.18
C THR B 316 -19.33 -2.84 -3.18
N GLU B 317 -19.70 -1.68 -3.74
CA GLU B 317 -21.10 -1.28 -3.76
C GLU B 317 -21.96 -2.25 -4.57
N ASN B 318 -21.32 -3.05 -5.44
CA ASN B 318 -22.07 -3.96 -6.29
C ASN B 318 -22.61 -5.16 -5.53
N LEU B 319 -21.94 -5.56 -4.45
CA LEU B 319 -22.39 -6.71 -3.67
C LEU B 319 -23.46 -6.30 -2.66
N GLU B 320 -23.24 -5.19 -1.94
CA GLU B 320 -24.26 -4.70 -1.02
C GLU B 320 -25.59 -4.54 -1.74
N LEU B 321 -25.55 -4.06 -2.98
CA LEU B 321 -26.77 -4.02 -3.79
C LEU B 321 -27.25 -5.42 -4.12
N SER B 322 -26.33 -6.33 -4.49
CA SER B 322 -26.72 -7.68 -4.86
C SER B 322 -27.33 -8.42 -3.67
N PHE B 323 -26.61 -8.46 -2.55
CA PHE B 323 -27.13 -9.13 -1.36
C PHE B 323 -28.43 -8.51 -0.89
N ARG B 324 -28.47 -7.18 -0.81
CA ARG B 324 -29.67 -6.49 -0.34
C ARG B 324 -30.85 -6.76 -1.24
N LEU B 325 -30.64 -6.71 -2.55
CA LEU B 325 -31.74 -6.90 -3.50
C LEU B 325 -32.42 -8.24 -3.28
N TRP B 326 -31.64 -9.33 -3.29
CA TRP B 326 -32.23 -10.65 -3.18
C TRP B 326 -32.95 -10.82 -1.84
N GLN B 327 -32.31 -10.42 -0.75
CA GLN B 327 -32.89 -10.65 0.56
C GLN B 327 -34.13 -9.81 0.81
N CYS B 328 -34.30 -8.72 0.07
CA CYS B 328 -35.42 -7.80 0.28
C CYS B 328 -36.45 -7.86 -0.85
N GLY B 329 -36.56 -9.00 -1.52
CA GLY B 329 -37.65 -9.24 -2.45
C GLY B 329 -37.42 -8.87 -3.89
N GLY B 330 -36.17 -8.81 -4.34
CA GLY B 330 -35.86 -8.47 -5.71
C GLY B 330 -35.23 -9.63 -6.47
N VAL B 331 -35.02 -9.40 -7.76
CA VAL B 331 -34.41 -10.38 -8.65
C VAL B 331 -33.29 -9.71 -9.43
N LEU B 332 -32.19 -10.43 -9.64
CA LEU B 332 -31.06 -9.97 -10.42
C LEU B 332 -30.87 -10.90 -11.60
N GLU B 333 -31.16 -10.41 -12.80
CA GLU B 333 -31.04 -11.20 -14.02
C GLU B 333 -30.00 -10.58 -14.94
N CYS B 334 -29.53 -11.39 -15.88
CA CYS B 334 -28.65 -10.95 -16.95
C CYS B 334 -29.30 -11.29 -18.29
N ALA B 335 -29.24 -10.36 -19.24
CA ALA B 335 -29.81 -10.54 -20.55
C ALA B 335 -28.71 -10.81 -21.56
N PRO B 336 -28.51 -12.05 -22.02
CA PRO B 336 -27.43 -12.31 -22.98
C PRO B 336 -27.65 -11.61 -24.32
N CYS B 337 -28.85 -11.13 -24.60
CA CYS B 337 -29.12 -10.41 -25.84
C CYS B 337 -28.80 -8.92 -25.73
N SER B 338 -28.69 -8.40 -24.51
CA SER B 338 -28.26 -7.03 -24.27
C SER B 338 -26.77 -7.06 -23.92
N ARG B 339 -25.94 -6.66 -24.87
CA ARG B 339 -24.49 -6.67 -24.70
C ARG B 339 -23.93 -5.27 -24.84
N VAL B 340 -22.87 -5.01 -24.09
CA VAL B 340 -22.19 -3.72 -24.09
C VAL B 340 -20.70 -3.97 -24.02
N TYR B 341 -19.95 -3.34 -24.92
CA TYR B 341 -18.49 -3.39 -24.83
C TYR B 341 -18.01 -2.41 -23.77
N HIS B 342 -16.94 -2.80 -23.07
CA HIS B 342 -16.42 -2.03 -21.94
C HIS B 342 -14.90 -2.09 -21.93
N ILE B 343 -14.26 -0.93 -21.71
CA ILE B 343 -12.80 -0.85 -21.66
C ILE B 343 -12.37 -1.24 -20.24
N PHE B 344 -11.99 -2.50 -20.05
CA PHE B 344 -11.37 -2.90 -18.80
C PHE B 344 -9.97 -2.32 -18.75
N ARG B 345 -9.60 -1.72 -17.63
CA ARG B 345 -8.34 -1.00 -17.62
C ARG B 345 -7.20 -1.99 -17.42
N LYS B 346 -6.01 -1.59 -17.87
CA LYS B 346 -4.84 -2.46 -17.79
C LYS B 346 -3.61 -1.64 -17.43
N GLY B 347 -2.83 -2.12 -16.47
CA GLY B 347 -1.59 -1.48 -16.12
C GLY B 347 -1.74 0.01 -15.88
N GLY B 348 -2.69 0.37 -15.05
CA GLY B 348 -2.93 1.77 -14.73
C GLY B 348 -4.27 1.95 -14.05
N SER B 349 -4.44 3.14 -13.50
CA SER B 349 -5.67 3.52 -12.81
C SER B 349 -6.15 4.85 -13.34
N GLY B 350 -7.47 4.96 -13.56
CA GLY B 350 -8.03 6.18 -14.09
C GLY B 350 -8.19 7.28 -13.06
N TYR B 351 -8.30 6.91 -11.78
CA TYR B 351 -8.41 7.87 -10.70
C TYR B 351 -7.72 7.30 -9.46
N SER B 352 -7.67 8.10 -8.40
CA SER B 352 -7.02 7.74 -7.15
C SER B 352 -8.04 7.81 -6.03
N SER B 353 -8.20 6.69 -5.31
CA SER B 353 -9.11 6.61 -4.17
C SER B 353 -8.32 6.29 -2.90
N PRO B 354 -8.78 6.73 -1.73
CA PRO B 354 -8.03 6.45 -0.50
C PRO B 354 -7.96 4.95 -0.24
N GLY B 355 -7.04 4.58 0.66
CA GLY B 355 -6.86 3.17 0.96
C GLY B 355 -7.89 2.60 1.90
N ASP B 356 -8.50 3.44 2.74
CA ASP B 356 -9.49 2.96 3.69
C ASP B 356 -10.88 2.78 3.05
N SER B 357 -11.17 3.53 1.98
CA SER B 357 -12.50 3.49 1.38
C SER B 357 -12.90 2.06 1.00
N ILE B 358 -11.96 1.27 0.54
CA ILE B 358 -12.29 -0.07 0.07
C ILE B 358 -12.68 -0.97 1.25
N THR B 359 -11.92 -0.87 2.34
CA THR B 359 -12.21 -1.67 3.52
C THR B 359 -13.54 -1.27 4.14
N ILE B 360 -13.83 0.03 4.19
CA ILE B 360 -15.11 0.48 4.73
C ILE B 360 -16.25 -0.16 3.98
N ASN B 361 -16.28 0.03 2.66
CA ASN B 361 -17.36 -0.52 1.84
C ASN B 361 -17.55 -2.01 2.12
N LYS B 362 -16.45 -2.74 2.31
CA LYS B 362 -16.55 -4.16 2.63
C LYS B 362 -17.15 -4.40 4.00
N MET B 363 -16.76 -3.60 5.00
CA MET B 363 -17.34 -3.74 6.34
C MET B 363 -18.84 -3.52 6.29
N ARG B 364 -19.29 -2.47 5.60
CA ARG B 364 -20.72 -2.20 5.52
C ARG B 364 -21.45 -3.32 4.80
N THR B 365 -20.84 -3.87 3.74
CA THR B 365 -21.46 -4.99 3.04
C THR B 365 -21.65 -6.19 3.97
N MET B 366 -20.75 -6.37 4.94
CA MET B 366 -20.83 -7.51 5.84
C MET B 366 -22.08 -7.47 6.71
N LEU B 367 -22.75 -6.33 6.80
CA LEU B 367 -24.01 -6.26 7.52
C LEU B 367 -25.04 -7.23 6.95
N TRP B 368 -25.02 -7.43 5.64
CA TRP B 368 -25.99 -8.29 4.96
C TRP B 368 -25.55 -9.74 4.91
N MET B 369 -24.43 -10.08 5.52
CA MET B 369 -23.92 -11.45 5.50
C MET B 369 -24.18 -12.20 6.80
N ASP B 370 -24.71 -11.52 7.82
CA ASP B 370 -25.12 -12.15 9.07
C ASP B 370 -23.92 -12.90 9.66
N GLU B 371 -24.02 -14.20 9.92
CA GLU B 371 -22.92 -14.91 10.56
C GLU B 371 -21.72 -15.06 9.63
N TYR B 372 -21.96 -15.13 8.32
CA TYR B 372 -20.87 -15.31 7.38
C TYR B 372 -19.91 -14.12 7.36
N ALA B 373 -20.29 -13.00 7.97
CA ALA B 373 -19.39 -11.86 8.05
C ALA B 373 -18.12 -12.20 8.84
N ASP B 374 -18.23 -13.11 9.80
CA ASP B 374 -17.04 -13.50 10.56
C ASP B 374 -15.95 -14.02 9.64
N LEU B 375 -16.32 -14.85 8.66
CA LEU B 375 -15.34 -15.38 7.72
C LEU B 375 -14.85 -14.29 6.78
N ALA B 376 -15.79 -13.52 6.19
CA ALA B 376 -15.38 -12.42 5.32
C ALA B 376 -14.45 -11.47 6.04
N TRP B 377 -14.67 -11.27 7.34
CA TRP B 377 -13.83 -10.36 8.12
C TRP B 377 -12.41 -10.88 8.22
N ARG B 378 -12.24 -12.19 8.37
CA ARG B 378 -10.90 -12.76 8.49
C ARG B 378 -10.18 -12.82 7.16
N VAL B 379 -10.90 -12.91 6.05
CA VAL B 379 -10.25 -12.99 4.76
C VAL B 379 -9.66 -11.64 4.38
N ILE B 380 -10.36 -10.55 4.68
CA ILE B 380 -9.86 -9.22 4.37
C ILE B 380 -8.91 -8.68 5.42
N GLY B 381 -8.56 -9.51 6.41
CA GLY B 381 -7.47 -9.17 7.32
C GLY B 381 -7.90 -8.74 8.70
N LYS B 382 -9.07 -9.19 9.13
CA LYS B 382 -9.63 -8.83 10.43
C LYS B 382 -9.51 -7.32 10.63
N PRO B 383 -9.82 -6.52 9.62
CA PRO B 383 -9.55 -5.08 9.69
C PRO B 383 -10.49 -4.37 10.67
N ARG B 384 -10.00 -3.24 11.17
CA ARG B 384 -10.76 -2.39 12.08
C ARG B 384 -10.61 -0.94 11.59
N VAL B 385 -11.70 -0.38 11.10
CA VAL B 385 -11.72 0.97 10.54
C VAL B 385 -12.97 1.68 11.03
N ASN B 386 -13.10 2.95 10.65
CA ASN B 386 -14.31 3.73 10.94
C ASN B 386 -15.26 3.54 9.76
N TYR B 387 -16.09 2.51 9.86
CA TYR B 387 -17.06 2.19 8.82
C TYR B 387 -18.37 2.96 9.00
N ARG B 388 -18.32 4.12 9.65
CA ARG B 388 -19.49 4.92 9.96
C ARG B 388 -20.56 4.06 10.64
N PRO B 389 -20.27 3.55 11.83
CA PRO B 389 -21.19 2.59 12.46
C PRO B 389 -22.58 3.16 12.73
N GLU B 390 -22.68 4.44 13.06
N GLU B 390 -22.67 4.44 13.06
CA GLU B 390 -23.98 5.00 13.39
CA GLU B 390 -23.97 5.02 13.39
C GLU B 390 -24.95 4.86 12.23
C GLU B 390 -24.95 4.86 12.23
N SER B 391 -24.53 5.24 11.02
CA SER B 391 -25.42 5.14 9.87
C SER B 391 -25.57 3.69 9.40
N LEU B 392 -24.58 2.83 9.66
CA LEU B 392 -24.71 1.44 9.26
C LEU B 392 -25.81 0.75 10.05
N GLU B 393 -25.96 1.10 11.32
CA GLU B 393 -27.01 0.47 12.13
C GLU B 393 -28.38 0.89 11.66
N LYS B 394 -28.54 2.14 11.24
CA LYS B 394 -29.81 2.58 10.71
C LYS B 394 -30.18 1.85 9.44
N ARG B 395 -29.20 1.26 8.74
CA ARG B 395 -29.54 0.35 7.66
C ARG B 395 -30.03 -0.98 8.23
N ARG B 396 -29.43 -1.43 9.34
CA ARG B 396 -29.92 -2.62 10.01
C ARG B 396 -31.35 -2.42 10.51
N GLU B 397 -31.66 -1.22 10.98
CA GLU B 397 -33.01 -0.91 11.39
C GLU B 397 -33.94 -0.95 10.19
N TRP B 398 -33.51 -0.30 9.09
CA TRP B 398 -34.23 -0.37 7.83
C TRP B 398 -34.39 -1.82 7.37
N ARG B 399 -33.35 -2.64 7.55
CA ARG B 399 -33.40 -4.02 7.09
C ARG B 399 -34.48 -4.81 7.81
N LYS B 400 -34.68 -4.56 9.11
CA LYS B 400 -35.68 -5.31 9.85
C LYS B 400 -37.09 -4.79 9.65
N ARG B 401 -37.26 -3.49 9.45
CA ARG B 401 -38.59 -2.98 9.13
C ARG B 401 -39.05 -3.43 7.75
N LYS B 402 -38.11 -3.82 6.88
CA LYS B 402 -38.45 -4.30 5.54
C LYS B 402 -38.68 -5.81 5.52
N GLY B 403 -38.29 -6.53 6.57
CA GLY B 403 -38.43 -7.96 6.60
C GLY B 403 -37.50 -8.70 5.66
N CYS B 404 -36.35 -8.13 5.36
CA CYS B 404 -35.41 -8.78 4.47
C CYS B 404 -34.99 -10.13 5.04
N LYS B 405 -34.76 -11.09 4.14
CA LYS B 405 -34.40 -12.45 4.53
C LYS B 405 -32.94 -12.52 4.95
N SER B 406 -32.51 -13.68 5.42
CA SER B 406 -31.17 -13.88 5.94
C SER B 406 -30.18 -14.24 4.83
N PHE B 407 -28.89 -14.07 5.14
CA PHE B 407 -27.86 -14.50 4.19
C PHE B 407 -27.80 -16.02 4.07
N ARG B 408 -28.05 -16.74 5.16
CA ARG B 408 -28.13 -18.19 5.07
C ARG B 408 -29.17 -18.60 4.03
N TRP B 409 -30.34 -17.96 4.05
CA TRP B 409 -31.31 -18.14 2.98
C TRP B 409 -30.69 -17.80 1.63
N PHE B 410 -30.08 -16.62 1.52
CA PHE B 410 -29.42 -16.23 0.28
C PHE B 410 -28.47 -17.32 -0.21
N MET B 411 -27.62 -17.82 0.70
CA MET B 411 -26.65 -18.83 0.31
C MET B 411 -27.31 -20.15 -0.06
N GLU B 412 -28.48 -20.44 0.52
CA GLU B 412 -29.15 -21.71 0.28
C GLU B 412 -30.08 -21.70 -0.91
N ASN B 413 -30.50 -20.52 -1.37
CA ASN B 413 -31.44 -20.41 -2.48
C ASN B 413 -30.89 -19.65 -3.68
N VAL B 414 -30.13 -18.58 -3.46
CA VAL B 414 -29.64 -17.78 -4.57
C VAL B 414 -28.27 -18.25 -5.04
N PHE B 415 -27.37 -18.57 -4.10
CA PHE B 415 -26.03 -19.03 -4.42
C PHE B 415 -25.77 -20.40 -3.81
N PRO B 416 -26.67 -21.38 -4.00
CA PRO B 416 -26.44 -22.71 -3.42
C PRO B 416 -25.26 -23.45 -4.05
N GLU B 417 -24.72 -22.98 -5.17
CA GLU B 417 -23.61 -23.63 -5.84
C GLU B 417 -22.25 -23.17 -5.32
N GLY B 418 -22.23 -22.37 -4.24
CA GLY B 418 -20.97 -21.91 -3.71
C GLY B 418 -20.24 -22.98 -2.91
N ASP B 419 -18.92 -22.82 -2.84
CA ASP B 419 -18.10 -23.77 -2.10
C ASP B 419 -18.34 -23.68 -0.59
N VAL B 420 -18.89 -22.57 -0.11
CA VAL B 420 -19.18 -22.36 1.30
C VAL B 420 -20.64 -21.93 1.41
N VAL B 421 -21.54 -22.90 1.51
CA VAL B 421 -22.96 -22.61 1.67
C VAL B 421 -23.33 -22.47 3.14
N THR B 422 -22.64 -23.19 4.03
CA THR B 422 -22.81 -23.07 5.46
C THR B 422 -21.42 -22.96 6.09
N LEU B 423 -21.36 -22.34 7.27
CA LEU B 423 -20.07 -22.22 7.95
C LEU B 423 -19.54 -23.57 8.42
N ASP B 424 -20.34 -24.64 8.30
CA ASP B 424 -19.83 -25.98 8.51
C ASP B 424 -18.99 -26.47 7.34
N ASP B 425 -19.11 -25.82 6.18
CA ASP B 425 -18.28 -26.13 5.02
C ASP B 425 -16.87 -25.57 5.14
N VAL B 426 -16.59 -24.83 6.22
CA VAL B 426 -15.24 -24.38 6.52
C VAL B 426 -14.89 -24.98 7.89
N PRO B 427 -14.56 -26.27 7.95
CA PRO B 427 -14.40 -26.90 9.27
C PRO B 427 -13.16 -26.46 10.02
N TYR B 428 -12.08 -26.13 9.31
CA TYR B 428 -10.81 -25.77 9.94
C TYR B 428 -10.37 -24.40 9.45
N LEU B 429 -9.99 -23.54 10.40
CA LEU B 429 -9.42 -22.24 10.10
C LEU B 429 -8.43 -21.90 11.20
N GLY B 430 -7.14 -21.90 10.86
CA GLY B 430 -6.10 -21.62 11.82
C GLY B 430 -4.75 -22.13 11.34
N PRO B 431 -3.76 -22.10 12.23
CA PRO B 431 -2.42 -22.54 11.82
C PRO B 431 -2.34 -24.05 11.64
N LEU B 432 -1.66 -24.46 10.56
CA LEU B 432 -1.36 -25.86 10.29
C LEU B 432 0.02 -26.19 10.86
N ARG B 433 0.04 -26.81 12.03
CA ARG B 433 1.26 -27.01 12.80
C ARG B 433 1.68 -28.47 12.83
N ASN B 434 2.99 -28.69 12.72
CA ASN B 434 3.60 -30.01 12.86
C ASN B 434 4.33 -30.02 14.20
N ASP B 435 3.82 -30.83 15.14
CA ASP B 435 4.37 -30.82 16.49
C ASP B 435 5.78 -31.38 16.53
N LYS B 436 6.12 -32.30 15.61
CA LYS B 436 7.44 -32.93 15.64
C LYS B 436 8.54 -31.88 15.53
N ILE B 437 8.52 -31.06 14.49
CA ILE B 437 9.51 -30.01 14.32
C ILE B 437 9.08 -28.70 14.95
N GLY B 438 7.87 -28.62 15.48
CA GLY B 438 7.40 -27.41 16.14
C GLY B 438 7.38 -26.20 15.24
N MET B 439 6.72 -26.32 14.08
CA MET B 439 6.61 -25.24 13.13
C MET B 439 5.24 -25.29 12.48
N CYS B 440 4.93 -24.22 11.75
N CYS B 440 4.89 -24.22 11.78
CA CYS B 440 3.64 -24.02 11.09
CA CYS B 440 3.63 -24.19 11.04
C CYS B 440 3.88 -23.59 9.65
C CYS B 440 3.88 -23.62 9.65
N LEU B 441 2.92 -23.89 8.77
CA LEU B 441 3.04 -23.45 7.39
C LEU B 441 3.03 -21.92 7.33
N ASP B 442 3.61 -21.39 6.26
CA ASP B 442 3.80 -19.95 6.15
C ASP B 442 3.79 -19.55 4.69
N ASN B 443 2.94 -18.58 4.34
CA ASN B 443 2.91 -18.04 3.00
C ASN B 443 4.13 -17.17 2.68
N MET B 444 4.95 -16.85 3.67
CA MET B 444 6.16 -16.04 3.50
C MET B 444 5.82 -14.59 3.15
N GLY B 445 4.64 -14.15 3.55
CA GLY B 445 4.21 -12.77 3.42
C GLY B 445 3.42 -12.45 2.17
N TRP B 446 3.44 -13.33 1.17
CA TRP B 446 2.66 -13.13 -0.06
C TRP B 446 1.63 -14.25 -0.17
N ALA B 447 0.37 -13.94 0.17
CA ALA B 447 -0.72 -14.89 0.02
C ALA B 447 -1.16 -15.06 -1.42
N SER B 448 -0.66 -14.22 -2.32
CA SER B 448 -1.02 -14.32 -3.73
C SER B 448 -0.55 -15.66 -4.29
N PRO B 449 -1.33 -16.29 -5.17
CA PRO B 449 -0.91 -17.58 -5.75
C PRO B 449 0.42 -17.47 -6.47
N GLY B 450 1.18 -18.58 -6.45
CA GLY B 450 2.38 -18.73 -7.25
C GLY B 450 3.64 -19.03 -6.47
N HIS B 451 3.74 -18.58 -5.24
CA HIS B 451 4.97 -18.73 -4.48
C HIS B 451 4.92 -19.94 -3.55
N ALA B 452 6.09 -20.30 -3.02
CA ALA B 452 6.26 -21.52 -2.25
C ALA B 452 5.94 -21.31 -0.78
N VAL B 453 5.45 -22.38 -0.15
CA VAL B 453 5.14 -22.40 1.28
C VAL B 453 6.35 -22.92 2.04
N GLY B 454 6.70 -22.24 3.15
CA GLY B 454 7.82 -22.62 3.98
C GLY B 454 7.39 -22.95 5.40
N LEU B 455 8.34 -23.53 6.14
CA LEU B 455 8.15 -23.88 7.54
C LEU B 455 8.85 -22.85 8.42
N GLU B 456 8.11 -22.25 9.34
CA GLU B 456 8.64 -21.19 10.19
C GLU B 456 8.11 -21.38 11.60
N TYR B 457 8.63 -20.59 12.54
CA TYR B 457 8.24 -20.73 13.94
C TYR B 457 6.90 -20.05 14.15
N CYS B 458 5.99 -20.76 14.80
CA CYS B 458 4.61 -20.32 14.89
C CYS B 458 4.51 -19.04 15.71
N HIS B 459 3.86 -18.02 15.14
CA HIS B 459 3.57 -16.79 15.86
C HIS B 459 2.09 -16.45 15.88
N GLY B 460 1.23 -17.30 15.34
CA GLY B 460 -0.20 -17.07 15.42
C GLY B 460 -0.67 -15.84 14.66
N GLY B 461 -0.04 -15.54 13.53
CA GLY B 461 -0.42 -14.41 12.71
C GLY B 461 -1.15 -14.86 11.46
N ASP B 462 -1.75 -13.88 10.77
CA ASP B 462 -2.52 -14.18 9.57
C ASP B 462 -1.63 -14.83 8.51
N THR B 463 -0.33 -14.54 8.53
CA THR B 463 0.57 -15.15 7.57
C THR B 463 0.69 -16.66 7.77
N GLN B 464 0.30 -17.16 8.94
CA GLN B 464 0.37 -18.58 9.26
C GLN B 464 -1.01 -19.20 9.50
N THR B 465 -2.05 -18.61 8.93
CA THR B 465 -3.41 -19.09 9.09
C THR B 465 -3.91 -19.65 7.77
N PHE B 466 -4.59 -20.80 7.84
CA PHE B 466 -5.07 -21.51 6.66
C PHE B 466 -6.46 -22.05 6.91
N MET B 467 -7.33 -21.97 5.90
CA MET B 467 -8.69 -22.45 6.01
C MET B 467 -8.94 -23.58 5.02
N PHE B 468 -9.98 -24.36 5.30
CA PHE B 468 -10.30 -25.56 4.55
C PHE B 468 -11.73 -25.47 4.03
N PHE B 469 -11.89 -25.67 2.72
CA PHE B 469 -13.21 -25.78 2.09
C PHE B 469 -13.46 -27.25 1.77
N ARG B 470 -14.35 -27.87 2.54
CA ARG B 470 -14.55 -29.31 2.44
C ARG B 470 -15.31 -29.70 1.17
N LYS B 471 -16.04 -28.77 0.57
CA LYS B 471 -16.78 -29.06 -0.66
C LYS B 471 -15.86 -29.33 -1.84
N VAL B 472 -14.59 -28.91 -1.76
CA VAL B 472 -13.65 -29.09 -2.85
C VAL B 472 -12.27 -29.44 -2.30
N GLY B 473 -12.19 -29.66 -0.99
CA GLY B 473 -10.94 -30.04 -0.33
C GLY B 473 -9.78 -29.11 -0.61
N HIS B 474 -10.02 -27.82 -0.50
CA HIS B 474 -9.01 -26.81 -0.78
C HIS B 474 -8.38 -26.32 0.52
N VAL B 475 -7.06 -26.37 0.58
CA VAL B 475 -6.30 -25.74 1.66
C VAL B 475 -5.78 -24.41 1.14
N MET B 476 -6.21 -23.32 1.77
CA MET B 476 -5.94 -21.98 1.27
C MET B 476 -5.46 -21.08 2.41
N PRO B 477 -4.65 -20.08 2.09
CA PRO B 477 -4.35 -19.06 3.11
C PRO B 477 -5.58 -18.21 3.38
N VAL B 478 -5.75 -17.83 4.64
CA VAL B 478 -6.97 -17.13 5.04
C VAL B 478 -7.15 -15.87 4.20
N ASN B 479 -6.05 -15.20 3.86
CA ASN B 479 -6.11 -13.90 3.21
C ASN B 479 -6.29 -13.99 1.70
N ASP B 480 -6.60 -15.18 1.17
CA ASP B 480 -6.84 -15.33 -0.26
C ASP B 480 -7.47 -16.70 -0.58
N ASP B 481 -8.79 -16.74 -0.77
CA ASP B 481 -9.48 -17.98 -1.12
C ASP B 481 -9.35 -18.32 -2.60
N GLU B 482 -8.38 -17.72 -3.30
CA GLU B 482 -8.03 -18.14 -4.65
C GLU B 482 -6.70 -18.90 -4.70
N ALA B 483 -5.95 -18.95 -3.61
CA ALA B 483 -4.68 -19.66 -3.55
C ALA B 483 -4.88 -20.99 -2.85
N CYS B 484 -4.36 -22.05 -3.45
CA CYS B 484 -4.54 -23.41 -2.95
C CYS B 484 -3.21 -24.11 -2.84
N LEU B 485 -3.00 -24.80 -1.72
CA LEU B 485 -1.79 -25.60 -1.54
C LEU B 485 -1.80 -26.79 -2.49
N GLN B 486 -0.64 -27.09 -3.04
CA GLN B 486 -0.44 -28.23 -3.94
C GLN B 486 0.69 -29.09 -3.43
N PRO B 487 0.76 -30.35 -3.87
CA PRO B 487 1.86 -31.22 -3.40
C PRO B 487 3.23 -30.66 -3.71
N SER B 488 3.36 -29.81 -4.74
CA SER B 488 4.65 -29.23 -5.08
C SER B 488 5.21 -28.36 -3.98
N GLY B 489 4.43 -28.08 -2.93
CA GLY B 489 4.86 -27.19 -1.87
C GLY B 489 4.62 -25.73 -2.14
N ARG B 490 3.83 -25.40 -3.16
CA ARG B 490 3.60 -24.04 -3.59
C ARG B 490 2.10 -23.80 -3.70
N LEU B 491 1.72 -22.53 -3.77
CA LEU B 491 0.33 -22.16 -3.97
C LEU B 491 0.07 -21.90 -5.45
N ASP B 492 -1.19 -22.04 -5.84
CA ASP B 492 -1.60 -21.77 -7.20
C ASP B 492 -3.09 -21.47 -7.21
N TRP B 493 -3.57 -20.96 -8.35
CA TRP B 493 -4.96 -20.57 -8.46
C TRP B 493 -5.87 -21.77 -8.19
N CYS B 494 -6.81 -21.59 -7.26
CA CYS B 494 -7.71 -22.66 -6.85
C CYS B 494 -8.64 -23.06 -7.99
N ARG B 495 -8.59 -24.33 -8.39
CA ARG B 495 -9.56 -24.91 -9.31
C ARG B 495 -10.21 -26.11 -8.65
N GLY B 496 -11.52 -26.27 -8.82
CA GLY B 496 -12.22 -27.38 -8.22
C GLY B 496 -11.97 -28.69 -8.94
N THR B 497 -10.72 -29.16 -8.90
CA THR B 497 -10.27 -30.33 -9.64
C THR B 497 -9.55 -31.30 -8.70
N ALA B 498 -9.22 -32.48 -9.23
CA ALA B 498 -8.42 -33.42 -8.47
C ALA B 498 -7.01 -32.90 -8.20
N GLN B 499 -6.60 -31.83 -8.86
CA GLN B 499 -5.29 -31.24 -8.65
C GLN B 499 -5.23 -30.39 -7.38
N PHE B 500 -6.36 -30.16 -6.72
CA PHE B 500 -6.39 -29.33 -5.53
C PHE B 500 -7.22 -29.93 -4.40
N TRP B 501 -7.76 -31.14 -4.57
CA TRP B 501 -8.57 -31.75 -3.51
C TRP B 501 -7.66 -32.42 -2.50
N TRP B 502 -7.67 -31.90 -1.27
CA TRP B 502 -6.93 -32.46 -0.14
C TRP B 502 -7.90 -33.13 0.82
N ASP B 503 -7.37 -34.07 1.59
CA ASP B 503 -8.12 -34.77 2.62
C ASP B 503 -7.37 -34.63 3.93
N PHE B 504 -8.06 -34.15 4.96
CA PHE B 504 -7.49 -34.04 6.31
C PHE B 504 -8.00 -35.21 7.12
N THR B 505 -7.12 -36.19 7.35
CA THR B 505 -7.54 -37.43 7.97
C THR B 505 -7.82 -37.22 9.47
N SER B 506 -8.42 -38.26 10.08
CA SER B 506 -8.64 -38.22 11.52
C SER B 506 -7.32 -38.28 12.28
N SER B 507 -6.32 -38.96 11.73
CA SER B 507 -5.01 -39.02 12.37
C SER B 507 -4.30 -37.68 12.35
N GLY B 508 -4.67 -36.78 11.46
CA GLY B 508 -4.04 -35.49 11.33
C GLY B 508 -3.20 -35.29 10.08
N GLN B 509 -3.32 -36.16 9.08
CA GLN B 509 -2.51 -36.09 7.89
C GLN B 509 -3.20 -35.26 6.81
N LEU B 510 -2.38 -34.65 5.94
CA LEU B 510 -2.87 -33.96 4.75
C LEU B 510 -2.61 -34.89 3.57
N MET B 511 -3.63 -35.67 3.20
CA MET B 511 -3.53 -36.63 2.12
C MET B 511 -4.08 -36.03 0.84
N PHE B 512 -3.35 -36.21 -0.26
CA PHE B 512 -3.75 -35.75 -1.58
C PHE B 512 -4.41 -36.92 -2.32
N ARG B 513 -5.68 -36.75 -2.69
CA ARG B 513 -6.46 -37.88 -3.18
C ARG B 513 -5.88 -38.47 -4.46
N GLU B 514 -5.48 -37.61 -5.40
CA GLU B 514 -5.03 -38.11 -6.70
C GLU B 514 -3.89 -39.11 -6.54
N THR B 515 -2.83 -38.71 -5.85
CA THR B 515 -1.66 -39.58 -5.68
C THR B 515 -1.75 -40.44 -4.43
N LYS B 516 -2.66 -40.11 -3.51
CA LYS B 516 -2.81 -40.85 -2.26
C LYS B 516 -1.55 -40.82 -1.41
N GLN B 517 -0.79 -39.73 -1.48
CA GLN B 517 0.35 -39.50 -0.62
C GLN B 517 0.04 -38.38 0.36
N CYS B 518 0.70 -38.43 1.51
CA CYS B 518 0.50 -37.48 2.59
C CYS B 518 1.68 -36.52 2.65
N LEU B 519 1.42 -35.32 3.16
CA LEU B 519 2.44 -34.27 3.20
C LEU B 519 3.22 -34.36 4.50
N SER B 520 4.55 -34.28 4.40
CA SER B 520 5.45 -34.39 5.55
C SER B 520 6.39 -33.20 5.60
N ALA B 521 6.68 -32.74 6.81
CA ALA B 521 7.59 -31.63 7.05
C ALA B 521 8.96 -32.11 7.53
N PHE B 522 9.51 -33.15 6.89
CA PHE B 522 10.78 -33.71 7.32
C PHE B 522 11.94 -32.86 6.85
N GLY B 523 12.69 -32.31 7.81
CA GLY B 523 13.84 -31.50 7.51
C GLY B 523 13.51 -30.08 7.10
N ARG B 524 12.40 -29.54 7.59
CA ARG B 524 11.90 -28.23 7.19
C ARG B 524 11.63 -28.14 5.70
N LYS B 525 11.50 -29.29 5.05
CA LYS B 525 11.13 -29.37 3.64
C LYS B 525 9.74 -30.00 3.55
N LEU B 526 8.98 -29.55 2.57
CA LEU B 526 7.64 -30.08 2.33
C LEU B 526 7.74 -31.20 1.30
N ARG B 527 7.32 -32.40 1.68
CA ARG B 527 7.42 -33.57 0.83
C ARG B 527 6.16 -34.43 0.96
N MET B 528 5.95 -35.26 -0.05
CA MET B 528 4.89 -36.24 -0.09
C MET B 528 5.51 -37.59 0.22
N VAL B 529 4.93 -38.33 1.16
CA VAL B 529 5.46 -39.64 1.55
C VAL B 529 4.29 -40.60 1.74
N GLU B 530 4.60 -41.89 1.67
CA GLU B 530 3.62 -42.91 2.02
C GLU B 530 2.97 -42.56 3.33
N CYS B 531 1.64 -42.57 3.34
CA CYS B 531 0.91 -42.21 4.56
C CYS B 531 1.16 -43.28 5.62
N ASP B 532 1.27 -42.83 6.87
CA ASP B 532 1.60 -43.74 7.97
C ASP B 532 1.43 -43.04 9.31
N ASP B 533 0.46 -43.47 10.10
CA ASP B 533 0.13 -42.77 11.34
C ASP B 533 1.27 -42.79 12.35
N THR B 534 2.30 -43.61 12.13
CA THR B 534 3.44 -43.66 13.03
C THR B 534 4.51 -42.63 12.69
N ASP B 535 4.41 -41.96 11.54
CA ASP B 535 5.38 -40.96 11.15
C ASP B 535 4.98 -39.62 11.75
N PRO B 536 5.68 -39.13 12.79
CA PRO B 536 5.25 -37.87 13.43
C PRO B 536 5.46 -36.64 12.56
N TYR B 537 6.25 -36.75 11.49
CA TYR B 537 6.52 -35.60 10.64
C TYR B 537 5.37 -35.26 9.72
N GLN B 538 4.41 -36.19 9.54
CA GLN B 538 3.26 -35.95 8.67
C GLN B 538 1.96 -35.81 9.45
N ILE B 539 2.03 -35.54 10.75
CA ILE B 539 0.86 -35.32 11.58
C ILE B 539 0.73 -33.83 11.82
N TRP B 540 -0.41 -33.26 11.44
CA TRP B 540 -0.66 -31.83 11.57
C TRP B 540 -1.81 -31.58 12.53
N SER B 541 -1.78 -30.41 13.17
CA SER B 541 -2.83 -29.97 14.06
C SER B 541 -3.45 -28.72 13.47
N TRP B 542 -4.73 -28.80 13.10
CA TRP B 542 -5.44 -27.71 12.44
C TRP B 542 -6.62 -27.29 13.31
N THR B 543 -6.63 -26.03 13.72
CA THR B 543 -7.69 -25.53 14.59
C THR B 543 -9.06 -25.67 13.92
N ALA B 544 -10.05 -26.06 14.70
CA ALA B 544 -11.41 -26.17 14.20
C ALA B 544 -12.06 -24.79 14.12
N TYR B 545 -12.93 -24.62 13.14
CA TYR B 545 -13.60 -23.35 12.91
C TYR B 545 -15.04 -23.50 13.41
N ASN B 546 -15.28 -23.02 14.62
CA ASN B 546 -16.60 -23.04 15.26
C ASN B 546 -16.98 -21.62 15.60
N PRO B 547 -17.25 -20.78 14.60
CA PRO B 547 -17.51 -19.36 14.86
C PRO B 547 -18.83 -19.17 15.56
N PRO B 548 -19.14 -17.93 15.97
CA PRO B 548 -20.44 -17.68 16.62
C PRO B 548 -21.61 -17.84 15.66
N ASP B 549 -22.83 -17.71 16.19
CA ASP B 549 -24.02 -17.70 15.35
C ASP B 549 -24.35 -16.32 14.82
N THR B 550 -23.76 -15.27 15.39
CA THR B 550 -23.99 -13.91 14.91
C THR B 550 -22.68 -13.14 14.98
N PHE B 551 -22.39 -12.38 13.93
CA PHE B 551 -21.17 -11.60 13.88
C PHE B 551 -21.36 -10.26 14.59
N THR B 552 -20.50 -9.98 15.55
CA THR B 552 -20.49 -8.69 16.25
C THR B 552 -19.42 -7.81 15.62
N PHE B 553 -19.84 -6.70 15.02
CA PHE B 553 -18.90 -5.80 14.36
C PHE B 553 -17.85 -5.31 15.36
N PRO B 554 -16.66 -4.95 14.87
CA PRO B 554 -15.63 -4.40 15.77
C PRO B 554 -15.96 -3.02 16.29
N SER B 555 -15.01 -2.39 16.97
CA SER B 555 -15.18 -1.06 17.52
C SER B 555 -14.44 -0.06 16.65
N VAL B 556 -14.34 1.18 17.13
CA VAL B 556 -13.61 2.22 16.41
C VAL B 556 -12.72 2.98 17.38
N PRO C 4 -11.84 -8.27 -16.85
CA PRO C 4 -12.81 -9.29 -17.24
C PRO C 4 -12.56 -10.64 -16.55
N SER C 5 -13.00 -11.74 -17.17
CA SER C 5 -12.82 -13.08 -16.62
C SER C 5 -11.96 -13.90 -17.58
N PRO C 6 -11.64 -15.16 -17.27
CA PRO C 6 -10.82 -15.97 -18.18
C PRO C 6 -11.40 -16.06 -19.60
#